data_3RHT
#
_entry.id   3RHT
#
_cell.length_a   42.287
_cell.length_b   126.827
_cell.length_c   101.964
_cell.angle_alpha   90.00
_cell.angle_beta   96.60
_cell.angle_gamma   90.00
#
_symmetry.space_group_name_H-M   'P 1 21 1'
#
loop_
_entity.id
_entity.type
_entity.pdbx_description
1 polymer '(GATase1)-like protein'
2 non-polymer 'CALCIUM ION'
3 non-polymer 'SODIUM ION'
4 non-polymer GLYCEROL
5 non-polymer 'ACETATE ION'
6 non-polymer 'CHLORIDE ION'
7 water water
#
_entity_poly.entity_id   1
_entity_poly.type   'polypeptide(L)'
_entity_poly.pdbx_seq_one_letter_code
;SNA(MSE)TRVLYCGDTSLETAAGYLAGL(MSE)TSWQWEFDYIPSHVGLDVGELLAKQDLVILSDYPAER(MSE)TAQA
IDQLVT(MSE)VKAGCGLV(MSE)LGGWESYHGLGGNWDQTLLAEVLPVDIKSADDRINFDQPTLAIPAAINSVSHPILQ
NLPWEDRPPTIGGLNRIAAKAKAQTLL(MSE)ARVWRPTFSLEHGKTTWEHADHHPLLVVGEAGTGRVAAFASDVAPHWV
GGLVDWGDERVTSQAPGAGAIEVGNLYSQFFRQ(MSE)LEWVAKSTR
;
_entity_poly.pdbx_strand_id   A,B,C,D
#
loop_
_chem_comp.id
_chem_comp.type
_chem_comp.name
_chem_comp.formula
ACT non-polymer 'ACETATE ION' 'C2 H3 O2 -1'
CA non-polymer 'CALCIUM ION' 'Ca 2'
CL non-polymer 'CHLORIDE ION' 'Cl -1'
GOL non-polymer GLYCEROL 'C3 H8 O3'
NA non-polymer 'SODIUM ION' 'Na 1'
#
# COMPACT_ATOMS: atom_id res chain seq x y z
N ARG A 6 -8.00 -10.34 -7.84
CA ARG A 6 -8.00 -9.26 -6.76
C ARG A 6 -7.13 -8.04 -7.10
N VAL A 7 -7.75 -7.04 -7.69
CA VAL A 7 -7.05 -5.90 -8.27
C VAL A 7 -7.63 -4.62 -7.72
N LEU A 8 -6.75 -3.68 -7.37
CA LEU A 8 -7.14 -2.32 -6.97
C LEU A 8 -6.52 -1.34 -7.96
N TYR A 9 -7.38 -0.52 -8.59
CA TYR A 9 -6.94 0.46 -9.59
C TYR A 9 -7.29 1.84 -9.06
N CYS A 10 -6.27 2.67 -8.89
CA CYS A 10 -6.44 4.03 -8.37
C CYS A 10 -5.98 5.06 -9.42
N GLY A 11 -6.85 6.04 -9.66
CA GLY A 11 -6.50 7.22 -10.44
C GLY A 11 -7.24 7.41 -11.75
N ASP A 12 -6.59 8.12 -12.68
CA ASP A 12 -7.13 8.47 -13.99
C ASP A 12 -8.48 9.18 -13.89
N THR A 13 -8.57 10.07 -12.90
CA THR A 13 -9.69 10.95 -12.65
C THR A 13 -10.95 10.19 -12.18
N SER A 14 -11.61 9.52 -13.10
CA SER A 14 -12.93 8.90 -12.83
C SER A 14 -13.25 7.86 -13.92
N LEU A 15 -14.17 6.95 -13.59
CA LEU A 15 -14.64 5.94 -14.53
C LEU A 15 -15.32 6.57 -15.73
N GLU A 16 -16.07 7.65 -15.53
CA GLU A 16 -16.73 8.31 -16.65
C GLU A 16 -15.73 9.03 -17.58
N THR A 17 -14.49 9.18 -17.14
CA THR A 17 -13.43 9.85 -17.91
C THR A 17 -12.29 8.85 -18.17
N ALA A 18 -11.02 9.21 -17.90
CA ALA A 18 -9.86 8.42 -18.38
C ALA A 18 -9.77 7.00 -17.82
N ALA A 19 -10.29 6.78 -16.61
CA ALA A 19 -10.19 5.47 -15.98
C ALA A 19 -11.03 4.43 -16.72
N GLY A 20 -12.01 4.89 -17.49
CA GLY A 20 -12.83 4.01 -18.36
C GLY A 20 -12.00 3.15 -19.29
N TYR A 21 -10.81 3.58 -19.64
CA TYR A 21 -9.99 2.81 -20.60
C TYR A 21 -9.50 1.52 -19.96
N LEU A 22 -8.72 1.63 -18.89
CA LEU A 22 -8.20 0.44 -18.22
C LEU A 22 -9.33 -0.36 -17.55
N ALA A 23 -10.33 0.33 -16.99
CA ALA A 23 -11.47 -0.37 -16.43
C ALA A 23 -12.17 -1.19 -17.50
N GLY A 24 -12.36 -0.61 -18.69
CA GLY A 24 -12.93 -1.33 -19.83
C GLY A 24 -12.09 -2.49 -20.30
N LEU A 25 -10.78 -2.33 -20.35
CA LEU A 25 -9.92 -3.46 -20.70
C LEU A 25 -10.12 -4.61 -19.68
N MSE A 26 -10.05 -4.27 -18.40
CA MSE A 26 -10.15 -5.30 -17.38
C MSE A 26 -11.50 -6.00 -17.43
O MSE A 26 -11.58 -7.21 -17.28
CB MSE A 26 -9.86 -4.73 -15.99
CG MSE A 26 -8.43 -4.23 -15.84
SE MSE A 26 -7.92 -3.91 -13.98
CE MSE A 26 -8.97 -2.28 -13.75
N THR A 27 -12.55 -5.23 -17.64
CA THR A 27 -13.86 -5.83 -17.83
C THR A 27 -13.85 -6.76 -19.04
N SER A 28 -13.18 -6.39 -20.12
CA SER A 28 -13.16 -7.22 -21.32
C SER A 28 -12.36 -8.51 -21.07
N TRP A 29 -11.40 -8.44 -20.15
CA TRP A 29 -10.63 -9.63 -19.75
C TRP A 29 -11.39 -10.47 -18.69
N GLN A 30 -12.60 -10.05 -18.34
N GLN A 30 -12.60 -10.03 -18.38
CA GLN A 30 -13.41 -10.70 -17.30
CA GLN A 30 -13.44 -10.61 -17.34
C GLN A 30 -12.78 -10.60 -15.92
C GLN A 30 -12.74 -10.63 -15.98
N TRP A 31 -11.92 -9.61 -15.71
CA TRP A 31 -11.31 -9.39 -14.40
C TRP A 31 -12.27 -8.64 -13.50
N GLU A 32 -12.19 -8.94 -12.20
CA GLU A 32 -12.84 -8.18 -11.12
C GLU A 32 -11.84 -7.18 -10.60
N PHE A 33 -12.31 -6.01 -10.17
CA PHE A 33 -11.43 -5.00 -9.58
C PHE A 33 -12.18 -4.01 -8.72
N ASP A 34 -11.46 -3.42 -7.76
CA ASP A 34 -11.94 -2.23 -7.06
C ASP A 34 -11.32 -1.00 -7.69
N TYR A 35 -12.00 0.13 -7.55
CA TYR A 35 -11.54 1.35 -8.20
C TYR A 35 -11.73 2.52 -7.25
N ILE A 36 -10.69 3.36 -7.19
CA ILE A 36 -10.67 4.62 -6.43
C ILE A 36 -10.40 5.80 -7.37
N PRO A 37 -11.30 6.77 -7.42
CA PRO A 37 -11.03 7.94 -8.25
C PRO A 37 -9.92 8.84 -7.68
N SER A 38 -9.35 9.70 -8.54
CA SER A 38 -8.20 10.52 -8.18
C SER A 38 -8.46 11.50 -7.03
N HIS A 39 -9.70 11.95 -6.82
CA HIS A 39 -10.00 12.87 -5.72
C HIS A 39 -10.31 12.16 -4.38
N VAL A 40 -10.36 10.84 -4.36
CA VAL A 40 -10.75 10.07 -3.17
C VAL A 40 -9.46 9.53 -2.53
N GLY A 41 -9.32 9.77 -1.24
CA GLY A 41 -8.17 9.30 -0.49
C GLY A 41 -8.19 7.78 -0.19
N LEU A 42 -7.01 7.25 0.11
CA LEU A 42 -6.82 5.86 0.47
C LEU A 42 -6.00 5.80 1.75
N ASP A 43 -6.58 5.17 2.77
CA ASP A 43 -5.97 5.00 4.11
C ASP A 43 -5.82 3.49 4.37
N VAL A 44 -5.08 3.13 5.42
CA VAL A 44 -4.97 1.74 5.81
C VAL A 44 -6.38 1.14 5.98
N GLY A 45 -6.61 -0.02 5.37
CA GLY A 45 -7.89 -0.66 5.53
C GLY A 45 -8.03 -1.95 4.79
N GLU A 46 -9.26 -2.46 4.84
CA GLU A 46 -9.61 -3.74 4.26
C GLU A 46 -9.53 -3.67 2.73
N LEU A 47 -9.85 -2.51 2.17
CA LEU A 47 -9.83 -2.33 0.72
C LEU A 47 -8.42 -2.53 0.14
N LEU A 48 -7.42 -1.93 0.78
CA LEU A 48 -6.04 -2.18 0.39
C LEU A 48 -5.51 -3.58 0.74
N ALA A 49 -5.93 -4.18 1.87
CA ALA A 49 -5.31 -5.43 2.36
C ALA A 49 -5.53 -6.66 1.49
N LYS A 50 -6.67 -6.71 0.82
CA LYS A 50 -7.11 -7.98 0.23
C LYS A 50 -6.64 -8.12 -1.25
N GLN A 51 -5.61 -7.38 -1.65
CA GLN A 51 -5.25 -7.25 -3.09
C GLN A 51 -4.05 -8.09 -3.52
N ASP A 52 -4.04 -8.47 -4.80
CA ASP A 52 -2.91 -9.18 -5.41
C ASP A 52 -2.18 -8.32 -6.43
N LEU A 53 -2.85 -7.25 -6.88
CA LEU A 53 -2.32 -6.30 -7.82
C LEU A 53 -2.85 -4.89 -7.53
N VAL A 54 -1.93 -3.92 -7.42
CA VAL A 54 -2.33 -2.52 -7.24
C VAL A 54 -1.75 -1.73 -8.42
N ILE A 55 -2.62 -0.99 -9.07
CA ILE A 55 -2.28 -0.15 -10.21
C ILE A 55 -2.49 1.31 -9.80
N LEU A 56 -1.42 2.10 -9.86
CA LEU A 56 -1.45 3.54 -9.54
C LEU A 56 -1.16 4.31 -10.84
N SER A 57 -2.10 5.16 -11.25
CA SER A 57 -2.06 5.81 -12.57
C SER A 57 -2.75 7.16 -12.43
N ASP A 58 -1.99 8.25 -12.42
CA ASP A 58 -2.58 9.59 -12.16
C ASP A 58 -3.32 9.65 -10.83
N TYR A 59 -2.73 9.00 -9.84
CA TYR A 59 -3.20 9.04 -8.48
C TYR A 59 -2.13 9.78 -7.69
N PRO A 60 -2.43 11.00 -7.23
CA PRO A 60 -1.36 11.79 -6.61
C PRO A 60 -0.92 11.19 -5.26
N ALA A 61 0.36 11.31 -4.90
CA ALA A 61 0.86 10.77 -3.63
C ALA A 61 0.10 11.29 -2.43
N GLU A 62 -0.33 12.54 -2.49
CA GLU A 62 -1.09 13.11 -1.35
C GLU A 62 -2.44 12.40 -1.00
N ARG A 63 -3.00 11.63 -1.92
CA ARG A 63 -4.22 10.85 -1.66
C ARG A 63 -4.00 9.64 -0.77
N MSE A 64 -2.79 9.12 -0.74
CA MSE A 64 -2.47 7.96 0.10
C MSE A 64 -1.87 8.39 1.43
O MSE A 64 -0.86 9.10 1.41
CB MSE A 64 -1.47 7.04 -0.59
CG MSE A 64 -2.09 6.07 -1.52
SE MSE A 64 -0.91 4.54 -1.97
CE MSE A 64 -1.24 3.35 -0.55
N THR A 65 -2.47 7.98 2.56
CA THR A 65 -1.92 8.31 3.86
C THR A 65 -0.57 7.60 4.01
N ALA A 66 0.29 8.14 4.88
CA ALA A 66 1.59 7.55 5.16
C ALA A 66 1.41 6.13 5.69
N GLN A 67 0.41 5.88 6.51
CA GLN A 67 0.11 4.50 6.96
C GLN A 67 -0.33 3.57 5.82
N ALA A 68 -1.11 4.07 4.87
CA ALA A 68 -1.50 3.29 3.70
C ALA A 68 -0.28 2.92 2.86
N ILE A 69 0.61 3.88 2.63
CA ILE A 69 1.85 3.63 1.89
C ILE A 69 2.64 2.50 2.57
N ASP A 70 2.71 2.52 3.89
CA ASP A 70 3.43 1.48 4.63
C ASP A 70 2.78 0.13 4.46
N GLN A 71 1.44 0.09 4.54
CA GLN A 71 0.71 -1.14 4.33
C GLN A 71 1.01 -1.69 2.93
N LEU A 72 0.95 -0.81 1.92
CA LEU A 72 1.16 -1.23 0.54
C LEU A 72 2.58 -1.76 0.32
N VAL A 73 3.58 -1.05 0.86
CA VAL A 73 4.98 -1.50 0.75
C VAL A 73 5.15 -2.88 1.35
N THR A 74 4.64 -3.10 2.57
CA THR A 74 4.71 -4.43 3.19
C THR A 74 4.01 -5.50 2.32
N MSE A 75 2.85 -5.17 1.77
CA MSE A 75 2.12 -6.14 0.95
C MSE A 75 2.86 -6.54 -0.31
O MSE A 75 2.85 -7.71 -0.68
CB MSE A 75 0.77 -5.58 0.52
CG MSE A 75 -0.27 -5.60 1.61
SE MSE A 75 -1.77 -4.59 0.89
CE MSE A 75 -2.20 -5.95 -0.39
N VAL A 76 3.44 -5.57 -0.99
CA VAL A 76 4.27 -5.82 -2.18
C VAL A 76 5.48 -6.71 -1.82
N LYS A 77 6.20 -6.37 -0.75
CA LYS A 77 7.32 -7.20 -0.36
C LYS A 77 6.84 -8.62 0.01
N ALA A 78 5.57 -8.76 0.44
CA ALA A 78 5.01 -10.09 0.76
C ALA A 78 4.39 -10.83 -0.43
N GLY A 79 4.42 -10.21 -1.62
CA GLY A 79 4.00 -10.89 -2.85
C GLY A 79 3.03 -10.12 -3.73
N CYS A 80 2.43 -9.03 -3.25
CA CYS A 80 1.49 -8.24 -4.06
C CYS A 80 2.22 -7.52 -5.23
N GLY A 81 1.62 -7.55 -6.41
CA GLY A 81 2.19 -6.86 -7.57
C GLY A 81 1.86 -5.37 -7.52
N LEU A 82 2.78 -4.54 -7.99
CA LEU A 82 2.54 -3.10 -8.10
C LEU A 82 2.96 -2.59 -9.46
N VAL A 83 2.07 -1.83 -10.08
CA VAL A 83 2.32 -1.16 -11.36
C VAL A 83 2.03 0.32 -11.23
N MSE A 84 2.99 1.15 -11.60
CA MSE A 84 2.72 2.55 -11.79
C MSE A 84 2.71 2.85 -13.29
O MSE A 84 3.57 2.39 -14.02
CB MSE A 84 3.77 3.44 -11.13
CG MSE A 84 3.47 4.93 -11.31
SE MSE A 84 4.33 6.06 -9.90
CE MSE A 84 3.19 5.59 -8.40
N LEU A 85 1.67 3.59 -13.71
CA LEU A 85 1.50 4.04 -15.09
C LEU A 85 1.70 5.56 -15.13
N GLY A 86 2.42 6.06 -16.13
CA GLY A 86 2.79 7.46 -16.16
C GLY A 86 1.60 8.39 -16.46
N GLY A 87 1.82 9.65 -16.17
CA GLY A 87 0.81 10.68 -16.33
C GLY A 87 1.29 11.89 -15.58
N TRP A 88 0.53 12.97 -15.68
CA TRP A 88 0.93 14.22 -15.03
C TRP A 88 0.85 14.15 -13.49
N GLU A 89 0.09 13.21 -12.92
CA GLU A 89 0.04 13.03 -11.46
C GLU A 89 0.59 11.66 -11.01
N SER A 90 1.42 11.05 -11.88
CA SER A 90 2.26 9.93 -11.54
C SER A 90 3.70 10.38 -11.42
N TYR A 91 4.53 9.48 -10.88
CA TYR A 91 5.95 9.71 -10.63
C TYR A 91 6.12 11.05 -9.95
N HIS A 92 6.95 11.95 -10.44
CA HIS A 92 6.95 13.30 -9.84
C HIS A 92 5.83 14.17 -10.44
N GLY A 93 5.84 14.29 -11.77
CA GLY A 93 4.76 14.94 -12.49
C GLY A 93 4.60 16.38 -12.06
N LEU A 94 3.35 16.84 -12.11
CA LEU A 94 2.98 18.13 -11.55
C LEU A 94 1.87 17.79 -10.55
N GLY A 95 2.26 17.54 -9.31
CA GLY A 95 1.34 17.10 -8.28
C GLY A 95 1.38 15.59 -8.02
N GLY A 96 2.23 14.84 -8.71
CA GLY A 96 2.39 13.39 -8.42
C GLY A 96 3.12 13.19 -7.11
N ASN A 97 4.36 13.64 -7.10
CA ASN A 97 5.23 13.69 -5.91
C ASN A 97 5.54 12.36 -5.24
N TRP A 98 5.56 11.27 -6.01
CA TRP A 98 5.82 9.92 -5.49
C TRP A 98 7.25 9.69 -5.00
N ASP A 99 8.19 10.48 -5.52
CA ASP A 99 9.56 10.50 -5.05
C ASP A 99 9.68 10.79 -3.56
N GLN A 100 8.69 11.50 -3.02
CA GLN A 100 8.67 11.89 -1.62
C GLN A 100 8.20 10.77 -0.67
N THR A 101 7.77 9.63 -1.20
CA THR A 101 7.09 8.61 -0.41
C THR A 101 8.01 7.39 -0.20
N LEU A 102 7.69 6.58 0.79
CA LEU A 102 8.42 5.32 0.98
C LEU A 102 8.09 4.31 -0.13
N LEU A 103 7.01 4.56 -0.91
CA LEU A 103 6.72 3.69 -2.06
C LEU A 103 7.87 3.76 -3.07
N ALA A 104 8.58 4.88 -3.13
CA ALA A 104 9.75 5.02 -4.02
C ALA A 104 10.77 3.90 -3.85
N GLU A 105 10.88 3.41 -2.63
CA GLU A 105 11.76 2.32 -2.29
C GLU A 105 11.48 1.06 -3.11
N VAL A 106 10.21 0.71 -3.35
CA VAL A 106 9.91 -0.59 -3.99
C VAL A 106 9.77 -0.49 -5.51
N LEU A 107 9.58 0.71 -6.07
CA LEU A 107 9.49 0.89 -7.50
C LEU A 107 10.87 0.66 -8.15
N PRO A 108 10.89 0.13 -9.37
CA PRO A 108 12.12 -0.29 -10.05
C PRO A 108 12.83 0.87 -10.79
N VAL A 109 12.40 2.11 -10.54
CA VAL A 109 12.98 3.30 -11.15
C VAL A 109 13.24 4.39 -10.10
N ASP A 110 14.22 5.23 -10.39
CA ASP A 110 14.44 6.46 -9.62
C ASP A 110 13.53 7.56 -10.18
N ILE A 111 12.86 8.26 -9.26
CA ILE A 111 11.91 9.28 -9.60
C ILE A 111 12.56 10.64 -9.29
N LYS A 112 12.42 11.59 -10.22
CA LYS A 112 13.00 12.91 -10.08
C LYS A 112 12.30 13.70 -8.98
N SER A 113 12.96 14.76 -8.52
CA SER A 113 12.38 15.68 -7.54
C SER A 113 12.00 17.03 -8.17
N ALA A 114 11.83 17.02 -9.48
CA ALA A 114 11.43 18.23 -10.23
C ALA A 114 10.65 17.72 -11.44
N ASP A 115 9.87 18.61 -12.04
CA ASP A 115 9.00 18.25 -13.15
C ASP A 115 9.65 17.27 -14.12
N ASP A 116 9.04 16.09 -14.29
CA ASP A 116 9.58 15.05 -15.14
C ASP A 116 8.73 14.81 -16.39
N ARG A 117 7.76 15.70 -16.65
CA ARG A 117 6.83 15.50 -17.75
C ARG A 117 7.48 15.86 -19.09
N ILE A 118 7.46 14.92 -20.03
CA ILE A 118 7.84 15.17 -21.42
C ILE A 118 6.66 14.91 -22.34
N ASN A 119 6.27 15.95 -23.10
CA ASN A 119 5.17 15.88 -24.06
C ASN A 119 5.72 15.87 -25.48
N PHE A 120 5.29 14.92 -26.32
CA PHE A 120 5.84 14.81 -27.68
C PHE A 120 4.87 15.42 -28.69
N ASP A 121 5.28 16.50 -29.35
CA ASP A 121 4.51 17.11 -30.45
C ASP A 121 4.83 16.53 -31.83
N GLN A 122 5.90 15.74 -31.88
CA GLN A 122 6.29 14.95 -33.03
C GLN A 122 6.39 13.46 -32.69
N PRO A 123 6.63 12.59 -33.70
CA PRO A 123 6.55 11.15 -33.46
C PRO A 123 7.59 10.53 -32.48
N THR A 124 7.10 9.75 -31.54
CA THR A 124 7.90 8.99 -30.64
C THR A 124 7.43 7.54 -30.64
N LEU A 125 8.37 6.62 -30.86
CA LEU A 125 8.05 5.21 -31.02
C LEU A 125 8.47 4.42 -29.77
N ALA A 126 7.65 3.45 -29.42
CA ALA A 126 8.03 2.44 -28.40
C ALA A 126 8.83 1.34 -29.10
N ILE A 127 9.98 0.96 -28.52
CA ILE A 127 10.94 0.05 -29.11
C ILE A 127 11.50 -0.84 -28.02
N PRO A 128 11.75 -2.13 -28.31
CA PRO A 128 12.39 -2.97 -27.27
C PRO A 128 13.80 -2.46 -26.94
N ALA A 129 14.18 -2.54 -25.66
CA ALA A 129 15.42 -1.96 -25.16
C ALA A 129 16.63 -2.77 -25.61
N ALA A 130 16.47 -4.09 -25.71
CA ALA A 130 17.56 -4.97 -26.16
C ALA A 130 16.99 -6.09 -27.02
N ILE A 131 17.87 -6.85 -27.66
CA ILE A 131 17.45 -7.96 -28.51
C ILE A 131 16.57 -8.98 -27.76
N ASN A 132 16.97 -9.32 -26.54
CA ASN A 132 16.27 -10.34 -25.78
C ASN A 132 15.09 -9.83 -24.93
N SER A 133 14.85 -8.51 -24.94
CA SER A 133 13.69 -7.95 -24.28
C SER A 133 12.41 -8.60 -24.78
N VAL A 134 12.34 -8.91 -26.08
CA VAL A 134 11.11 -9.47 -26.67
C VAL A 134 10.76 -10.88 -26.18
N SER A 135 11.71 -11.51 -25.49
CA SER A 135 11.49 -12.81 -24.84
C SER A 135 10.75 -12.66 -23.53
N HIS A 136 10.74 -11.45 -22.98
CA HIS A 136 10.01 -11.24 -21.73
C HIS A 136 8.53 -11.51 -21.96
N PRO A 137 7.87 -12.19 -21.03
CA PRO A 137 6.42 -12.41 -21.13
C PRO A 137 5.57 -11.18 -21.48
N ILE A 138 5.94 -10.01 -20.97
CA ILE A 138 5.16 -8.79 -21.23
C ILE A 138 5.16 -8.45 -22.75
N LEU A 139 6.32 -8.62 -23.39
CA LEU A 139 6.51 -8.23 -24.80
C LEU A 139 6.22 -9.31 -25.84
N GLN A 140 6.08 -10.58 -25.41
CA GLN A 140 5.80 -11.70 -26.32
C GLN A 140 4.54 -11.52 -27.21
N ASN A 141 4.64 -12.03 -28.44
CA ASN A 141 3.54 -12.08 -29.41
C ASN A 141 2.92 -10.73 -29.73
N LEU A 142 3.79 -9.73 -29.76
CA LEU A 142 3.40 -8.40 -30.16
C LEU A 142 4.38 -7.97 -31.26
N PRO A 143 3.90 -7.20 -32.24
CA PRO A 143 4.67 -6.86 -33.43
C PRO A 143 5.57 -5.62 -33.25
N TRP A 144 6.51 -5.71 -32.33
CA TRP A 144 7.42 -4.61 -32.06
C TRP A 144 8.23 -4.21 -33.29
N GLU A 145 8.66 -5.19 -34.08
CA GLU A 145 9.42 -4.90 -35.30
C GLU A 145 8.51 -4.41 -36.44
N ASP A 146 7.41 -5.10 -36.69
CA ASP A 146 6.61 -4.81 -37.88
C ASP A 146 5.75 -3.58 -37.69
N ARG A 147 5.45 -3.23 -36.45
CA ARG A 147 4.47 -2.15 -36.17
C ARG A 147 4.74 -1.47 -34.85
N PRO A 148 5.89 -0.79 -34.77
CA PRO A 148 6.20 -0.11 -33.52
C PRO A 148 5.15 0.99 -33.29
N PRO A 149 4.56 1.03 -32.09
CA PRO A 149 3.46 1.95 -31.82
C PRO A 149 3.98 3.29 -31.34
N THR A 150 3.16 4.30 -31.46
CA THR A 150 3.53 5.66 -31.09
C THR A 150 2.93 6.01 -29.69
N ILE A 151 3.63 6.82 -28.92
CA ILE A 151 3.10 7.40 -27.68
C ILE A 151 3.21 8.93 -27.67
N GLY A 152 2.39 9.58 -26.83
CA GLY A 152 2.29 11.04 -26.83
C GLY A 152 3.13 11.76 -25.79
N GLY A 153 3.61 11.03 -24.79
CA GLY A 153 4.43 11.63 -23.74
C GLY A 153 4.83 10.60 -22.71
N LEU A 154 5.67 11.02 -21.77
CA LEU A 154 6.07 10.13 -20.67
C LEU A 154 6.66 10.94 -19.52
N ASN A 155 6.75 10.29 -18.37
CA ASN A 155 7.55 10.85 -17.27
C ASN A 155 8.98 10.35 -17.45
N ARG A 156 9.93 11.26 -17.30
CA ARG A 156 11.34 10.91 -17.31
C ARG A 156 11.75 10.20 -16.03
N ILE A 157 11.97 8.90 -16.14
CA ILE A 157 12.36 8.02 -15.04
C ILE A 157 13.60 7.24 -15.43
N ALA A 158 14.30 6.70 -14.44
CA ALA A 158 15.55 5.98 -14.70
C ALA A 158 15.51 4.63 -14.00
N ALA A 159 15.85 3.56 -14.72
CA ALA A 159 15.90 2.19 -14.18
C ALA A 159 16.90 2.08 -13.03
N LYS A 160 16.48 1.48 -11.93
CA LYS A 160 17.40 1.18 -10.83
C LYS A 160 18.33 0.07 -11.30
N ALA A 161 19.50 -0.03 -10.67
CA ALA A 161 20.54 -0.96 -11.09
C ALA A 161 20.07 -2.42 -11.20
N LYS A 162 19.26 -2.86 -10.26
CA LYS A 162 18.83 -4.27 -10.23
C LYS A 162 17.59 -4.57 -11.07
N ALA A 163 17.06 -3.56 -11.75
CA ALA A 163 15.82 -3.66 -12.51
C ALA A 163 16.16 -3.93 -13.98
N GLN A 164 15.16 -4.28 -14.78
CA GLN A 164 15.35 -4.57 -16.20
C GLN A 164 14.51 -3.65 -17.07
N THR A 165 15.16 -2.93 -17.99
CA THR A 165 14.44 -2.07 -18.92
C THR A 165 14.04 -2.91 -20.12
N LEU A 166 12.74 -2.97 -20.40
CA LEU A 166 12.20 -3.80 -21.48
C LEU A 166 11.89 -2.97 -22.73
N LEU A 167 11.37 -1.77 -22.55
CA LEU A 167 11.05 -0.85 -23.65
C LEU A 167 11.69 0.52 -23.46
N MSE A 168 12.13 1.14 -24.56
N MSE A 168 12.11 1.10 -24.58
CA MSE A 168 12.53 2.55 -24.56
CA MSE A 168 12.54 2.50 -24.71
C MSE A 168 11.62 3.29 -25.54
C MSE A 168 11.53 3.28 -25.51
O MSE A 168 10.94 2.67 -26.37
O MSE A 168 10.71 2.70 -26.24
CB MSE A 168 13.99 2.74 -24.99
CB MSE A 168 13.82 2.61 -25.55
CG MSE A 168 15.05 1.96 -24.16
CG MSE A 168 15.06 1.97 -25.04
SE MSE A 168 15.86 2.80 -22.55
SE MSE A 168 16.51 2.45 -26.26
CE MSE A 168 16.30 4.57 -23.22
CE MSE A 168 15.50 2.93 -27.88
N ALA A 169 11.61 4.62 -25.42
CA ALA A 169 10.84 5.50 -26.30
C ALA A 169 11.87 6.26 -27.13
N ARG A 170 11.79 6.16 -28.45
CA ARG A 170 12.74 6.87 -29.30
C ARG A 170 12.05 8.10 -29.89
N VAL A 171 12.63 9.27 -29.60
CA VAL A 171 12.08 10.57 -30.03
C VAL A 171 12.53 10.86 -31.45
N TRP A 172 11.58 11.12 -32.35
CA TRP A 172 11.88 11.51 -33.74
C TRP A 172 11.54 12.99 -33.99
N ARG A 173 12.39 13.65 -34.79
CA ARG A 173 12.21 15.06 -35.11
C ARG A 173 12.23 15.17 -36.63
N PRO A 174 11.17 14.67 -37.30
CA PRO A 174 11.07 14.87 -38.74
C PRO A 174 11.01 16.34 -39.15
N THR A 175 11.51 16.65 -40.34
CA THR A 175 11.34 18.00 -40.91
C THR A 175 10.74 17.77 -42.28
N PHE A 176 10.01 18.74 -42.80
CA PHE A 176 9.35 18.59 -44.11
C PHE A 176 9.80 19.70 -45.05
N SER A 177 10.16 19.34 -46.28
CA SER A 177 10.53 20.33 -47.28
C SER A 177 9.38 20.53 -48.24
N LEU A 178 8.81 21.72 -48.25
CA LEU A 178 7.73 22.02 -49.21
C LEU A 178 8.28 21.96 -50.63
N GLU A 179 9.52 22.41 -50.80
CA GLU A 179 10.13 22.40 -52.11
C GLU A 179 10.36 21.02 -52.67
N HIS A 180 10.88 20.10 -51.87
CA HIS A 180 11.19 18.80 -52.37
C HIS A 180 10.01 17.82 -52.23
N GLY A 181 8.91 18.26 -51.59
CA GLY A 181 7.81 17.38 -51.20
C GLY A 181 8.29 16.14 -50.47
N LYS A 182 9.13 16.36 -49.45
CA LYS A 182 9.91 15.28 -48.86
C LYS A 182 10.06 15.48 -47.35
N THR A 183 9.80 14.42 -46.61
CA THR A 183 10.04 14.38 -45.17
C THR A 183 11.39 13.72 -44.87
N THR A 184 12.19 14.37 -44.04
CA THR A 184 13.46 13.84 -43.56
C THR A 184 13.32 13.44 -42.09
N TRP A 185 13.68 12.19 -41.80
CA TRP A 185 13.55 11.58 -40.48
C TRP A 185 14.90 11.56 -39.78
N GLU A 186 15.00 12.33 -38.69
CA GLU A 186 16.18 12.31 -37.82
C GLU A 186 15.69 11.99 -36.41
N HIS A 187 16.44 11.22 -35.68
CA HIS A 187 16.03 10.88 -34.33
C HIS A 187 16.84 11.70 -33.34
N ALA A 188 16.31 11.80 -32.13
CA ALA A 188 17.00 12.54 -31.11
C ALA A 188 17.15 11.62 -29.89
N ASP A 189 16.53 12.01 -28.80
CA ASP A 189 16.69 11.32 -27.55
C ASP A 189 15.97 9.97 -27.48
N HIS A 190 16.30 9.24 -26.42
CA HIS A 190 15.58 8.03 -26.06
C HIS A 190 15.38 8.03 -24.55
N HIS A 191 14.26 7.48 -24.11
CA HIS A 191 13.90 7.48 -22.69
C HIS A 191 13.43 6.10 -22.26
N PRO A 192 13.62 5.75 -20.97
CA PRO A 192 13.07 4.45 -20.53
C PRO A 192 11.53 4.47 -20.58
N LEU A 193 10.93 3.41 -21.09
CA LEU A 193 9.49 3.35 -21.23
C LEU A 193 8.84 2.28 -20.32
N LEU A 194 9.49 1.13 -20.21
CA LEU A 194 8.94 0.07 -19.35
C LEU A 194 10.11 -0.60 -18.63
N VAL A 195 10.07 -0.54 -17.29
CA VAL A 195 11.12 -1.06 -16.42
C VAL A 195 10.41 -1.96 -15.40
N VAL A 196 10.97 -3.15 -15.16
CA VAL A 196 10.39 -4.15 -14.26
C VAL A 196 11.42 -4.57 -13.22
N GLY A 197 10.97 -5.01 -12.04
CA GLY A 197 11.87 -5.56 -11.04
C GLY A 197 11.10 -6.33 -9.98
N GLU A 198 11.76 -6.57 -8.86
CA GLU A 198 11.12 -7.19 -7.71
C GLU A 198 11.29 -6.34 -6.47
N ALA A 199 10.43 -6.56 -5.49
CA ALA A 199 10.60 -5.97 -4.17
C ALA A 199 10.12 -7.05 -3.24
N GLY A 200 11.03 -7.60 -2.44
CA GLY A 200 10.75 -8.85 -1.71
C GLY A 200 10.33 -9.91 -2.72
N THR A 201 9.17 -10.52 -2.51
CA THR A 201 8.65 -11.55 -3.40
C THR A 201 7.62 -11.01 -4.38
N GLY A 202 7.40 -9.71 -4.37
CA GLY A 202 6.43 -9.11 -5.26
C GLY A 202 7.10 -8.62 -6.52
N ARG A 203 6.35 -8.57 -7.62
CA ARG A 203 6.84 -7.96 -8.84
C ARG A 203 6.36 -6.52 -8.93
N VAL A 204 7.18 -5.70 -9.57
CA VAL A 204 6.88 -4.30 -9.76
C VAL A 204 7.17 -3.87 -11.21
N ALA A 205 6.38 -2.93 -11.73
CA ALA A 205 6.54 -2.41 -13.08
C ALA A 205 6.31 -0.89 -13.09
N ALA A 206 7.15 -0.18 -13.86
CA ALA A 206 7.04 1.26 -14.05
C ALA A 206 6.90 1.46 -15.56
N PHE A 207 5.69 1.81 -16.00
CA PHE A 207 5.46 2.23 -17.38
C PHE A 207 5.44 3.74 -17.39
N ALA A 208 6.25 4.34 -18.25
CA ALA A 208 6.57 5.79 -18.18
C ALA A 208 5.53 6.62 -18.90
N SER A 209 4.84 6.00 -19.86
CA SER A 209 3.72 6.68 -20.55
C SER A 209 2.40 6.33 -19.86
N ASP A 210 1.31 6.84 -20.40
CA ASP A 210 -0.01 6.68 -19.82
C ASP A 210 -0.74 5.53 -20.54
N VAL A 211 -1.73 4.97 -19.86
CA VAL A 211 -2.67 4.02 -20.44
C VAL A 211 -3.87 4.69 -21.11
N ALA A 212 -4.07 5.97 -20.80
CA ALA A 212 -5.20 6.76 -21.26
C ALA A 212 -4.73 8.13 -21.82
N PRO A 213 -5.65 8.90 -22.41
CA PRO A 213 -5.21 10.16 -22.98
C PRO A 213 -4.74 11.16 -21.92
N HIS A 214 -3.90 12.12 -22.27
CA HIS A 214 -3.51 12.41 -23.66
C HIS A 214 -2.21 11.77 -24.07
N TRP A 215 -1.46 11.22 -23.10
CA TRP A 215 -0.18 10.61 -23.43
C TRP A 215 -0.19 9.25 -24.08
N VAL A 216 -1.25 8.46 -23.92
CA VAL A 216 -1.21 7.11 -24.46
C VAL A 216 -1.00 7.19 -25.99
N GLY A 217 -1.52 8.25 -26.60
CA GLY A 217 -1.28 8.49 -28.03
C GLY A 217 -1.78 7.32 -28.90
N GLY A 218 -1.03 7.02 -29.94
CA GLY A 218 -1.44 6.00 -30.92
C GLY A 218 -1.46 4.59 -30.35
N LEU A 219 -0.77 4.37 -29.23
CA LEU A 219 -0.77 3.09 -28.57
C LEU A 219 -2.21 2.64 -28.27
N VAL A 220 -3.11 3.58 -27.92
CA VAL A 220 -4.49 3.17 -27.58
C VAL A 220 -5.20 2.46 -28.75
N ASP A 221 -4.73 2.69 -29.96
CA ASP A 221 -5.33 2.16 -31.16
C ASP A 221 -4.48 1.08 -31.83
N TRP A 222 -3.46 0.60 -31.11
CA TRP A 222 -2.47 -0.33 -31.66
C TRP A 222 -3.16 -1.60 -32.13
N GLY A 223 -2.92 -1.95 -33.39
CA GLY A 223 -3.45 -3.15 -33.98
C GLY A 223 -4.40 -2.89 -35.14
N ASP A 224 -4.73 -3.94 -35.87
CA ASP A 224 -5.59 -3.89 -37.04
C ASP A 224 -7.04 -4.10 -36.67
N GLU A 225 -7.31 -4.43 -35.42
CA GLU A 225 -8.65 -4.83 -34.99
C GLU A 225 -9.05 -3.98 -33.80
N ARG A 226 -10.31 -4.09 -33.40
CA ARG A 226 -10.87 -3.27 -32.34
C ARG A 226 -11.44 -4.16 -31.24
N VAL A 227 -11.27 -3.69 -30.00
CA VAL A 227 -11.87 -4.26 -28.81
C VAL A 227 -12.85 -3.23 -28.26
N THR A 228 -14.09 -3.67 -28.01
CA THR A 228 -15.10 -2.82 -27.43
C THR A 228 -15.45 -3.34 -26.03
N SER A 229 -15.68 -2.40 -25.11
CA SER A 229 -16.06 -2.75 -23.74
C SER A 229 -16.70 -1.56 -23.04
N GLN A 230 -17.34 -1.81 -21.91
CA GLN A 230 -17.84 -0.76 -21.05
C GLN A 230 -17.87 -1.29 -19.63
N ALA A 231 -16.92 -0.84 -18.82
CA ALA A 231 -16.90 -1.17 -17.42
C ALA A 231 -18.12 -0.59 -16.68
N PRO A 232 -18.61 -1.26 -15.63
CA PRO A 232 -19.74 -0.65 -14.93
C PRO A 232 -19.36 0.73 -14.37
N GLY A 233 -20.25 1.69 -14.62
CA GLY A 233 -20.06 3.08 -14.22
C GLY A 233 -19.20 3.91 -15.15
N ALA A 234 -18.59 3.30 -16.16
CA ALA A 234 -17.70 4.00 -17.09
C ALA A 234 -18.36 4.25 -18.44
N GLY A 235 -17.69 5.05 -19.25
CA GLY A 235 -18.05 5.20 -20.66
C GLY A 235 -17.66 3.97 -21.48
N ALA A 236 -18.34 3.79 -22.62
CA ALA A 236 -18.02 2.72 -23.59
C ALA A 236 -16.67 3.05 -24.22
N ILE A 237 -15.84 2.04 -24.45
CA ILE A 237 -14.55 2.28 -25.13
C ILE A 237 -14.48 1.43 -26.39
N GLU A 238 -13.66 1.88 -27.33
CA GLU A 238 -13.32 1.16 -28.53
C GLU A 238 -11.86 1.44 -28.77
N VAL A 239 -11.05 0.40 -28.65
CA VAL A 239 -9.58 0.53 -28.65
C VAL A 239 -8.89 -0.59 -29.47
N GLY A 240 -7.57 -0.50 -29.62
CA GLY A 240 -6.84 -1.51 -30.37
C GLY A 240 -6.72 -2.87 -29.67
N ASN A 241 -6.68 -3.93 -30.46
CA ASN A 241 -6.46 -5.29 -29.96
C ASN A 241 -5.08 -5.46 -29.34
N LEU A 242 -4.06 -4.83 -29.94
CA LEU A 242 -2.69 -4.95 -29.41
C LEU A 242 -2.50 -4.13 -28.13
N TYR A 243 -3.22 -3.00 -28.04
CA TYR A 243 -3.27 -2.19 -26.84
C TYR A 243 -3.79 -3.04 -25.68
N SER A 244 -4.93 -3.69 -25.88
CA SER A 244 -5.50 -4.58 -24.88
C SER A 244 -4.50 -5.69 -24.49
N GLN A 245 -3.94 -6.36 -25.50
CA GLN A 245 -3.04 -7.47 -25.27
C GLN A 245 -1.77 -7.07 -24.48
N PHE A 246 -1.18 -5.94 -24.83
CA PHE A 246 0.03 -5.43 -24.18
C PHE A 246 -0.27 -5.14 -22.69
N PHE A 247 -1.30 -4.36 -22.42
CA PHE A 247 -1.63 -4.05 -21.03
C PHE A 247 -2.08 -5.29 -20.27
N ARG A 248 -2.75 -6.24 -20.92
CA ARG A 248 -3.09 -7.49 -20.26
C ARG A 248 -1.81 -8.24 -19.84
N GLN A 249 -0.88 -8.36 -20.77
CA GLN A 249 0.37 -9.10 -20.51
C GLN A 249 1.21 -8.42 -19.41
N MSE A 250 1.26 -7.09 -19.43
CA MSE A 250 1.97 -6.32 -18.41
C MSE A 250 1.38 -6.61 -17.02
O MSE A 250 2.08 -7.03 -16.10
CB MSE A 250 1.94 -4.81 -18.72
CG MSE A 250 2.70 -3.99 -17.73
SE MSE A 250 2.26 -2.11 -17.81
CE MSE A 250 2.68 -1.83 -19.67
N LEU A 251 0.06 -6.49 -16.90
CA LEU A 251 -0.61 -6.68 -15.63
C LEU A 251 -0.64 -8.14 -15.18
N GLU A 252 -0.77 -9.08 -16.12
CA GLU A 252 -0.66 -10.49 -15.75
C GLU A 252 0.74 -10.85 -15.22
N TRP A 253 1.79 -10.31 -15.84
CA TRP A 253 3.14 -10.57 -15.33
C TRP A 253 3.27 -10.04 -13.91
N VAL A 254 2.95 -8.76 -13.70
CA VAL A 254 3.08 -8.15 -12.37
C VAL A 254 2.26 -8.90 -11.29
N ALA A 255 1.06 -9.35 -11.67
CA ALA A 255 0.16 -10.05 -10.78
C ALA A 255 0.52 -11.52 -10.60
N LYS A 256 1.47 -12.03 -11.41
CA LYS A 256 1.77 -13.48 -11.50
C LYS A 256 0.54 -14.31 -11.90
N SER A 257 -0.26 -13.78 -12.84
CA SER A 257 -1.48 -14.48 -13.34
C SER A 257 -1.11 -15.56 -14.35
N ARG B 6 -16.96 4.95 16.67
CA ARG B 6 -15.89 5.99 16.55
C ARG B 6 -14.82 5.83 17.66
N VAL B 7 -13.75 5.07 17.37
CA VAL B 7 -12.65 4.85 18.32
C VAL B 7 -11.30 5.36 17.79
N LEU B 8 -10.52 6.06 18.63
CA LEU B 8 -9.17 6.41 18.27
C LEU B 8 -8.23 5.65 19.21
N TYR B 9 -7.30 4.91 18.61
CA TYR B 9 -6.37 4.10 19.35
C TYR B 9 -4.95 4.57 19.04
N CYS B 10 -4.23 4.96 20.09
CA CYS B 10 -2.90 5.50 19.92
C CYS B 10 -1.87 4.65 20.68
N GLY B 11 -0.82 4.22 19.98
CA GLY B 11 0.37 3.69 20.61
C GLY B 11 0.63 2.22 20.30
N ASP B 12 1.23 1.51 21.27
CA ASP B 12 1.65 0.11 21.10
C ASP B 12 2.51 -0.10 19.85
N THR B 13 3.38 0.90 19.55
CA THR B 13 4.40 0.87 18.48
C THR B 13 3.81 0.94 17.07
N SER B 14 3.27 -0.15 16.59
CA SER B 14 2.80 -0.20 15.21
C SER B 14 1.83 -1.34 15.02
N LEU B 15 1.03 -1.27 13.98
CA LEU B 15 0.06 -2.31 13.74
C LEU B 15 0.74 -3.63 13.48
N GLU B 16 1.90 -3.57 12.84
CA GLU B 16 2.61 -4.79 12.54
C GLU B 16 3.22 -5.43 13.78
N THR B 17 3.31 -4.67 14.86
CA THR B 17 3.80 -5.21 16.15
C THR B 17 2.71 -5.23 17.19
N ALA B 18 2.91 -4.64 18.39
CA ALA B 18 2.01 -4.86 19.53
C ALA B 18 0.59 -4.34 19.30
N ALA B 19 0.43 -3.27 18.50
CA ALA B 19 -0.90 -2.70 18.23
C ALA B 19 -1.84 -3.63 17.50
N GLY B 20 -1.28 -4.66 16.86
CA GLY B 20 -2.09 -5.68 16.17
C GLY B 20 -3.01 -6.46 17.09
N TYR B 21 -2.68 -6.52 18.37
CA TYR B 21 -3.50 -7.25 19.36
C TYR B 21 -4.85 -6.56 19.50
N LEU B 22 -4.88 -5.35 20.02
CA LEU B 22 -6.14 -4.66 20.18
C LEU B 22 -6.78 -4.27 18.85
N ALA B 23 -5.98 -3.95 17.86
CA ALA B 23 -6.55 -3.68 16.53
C ALA B 23 -7.26 -4.93 16.01
N GLY B 24 -6.64 -6.08 16.16
CA GLY B 24 -7.27 -7.37 15.79
C GLY B 24 -8.55 -7.69 16.57
N LEU B 25 -8.53 -7.42 17.87
CA LEU B 25 -9.74 -7.56 18.70
C LEU B 25 -10.88 -6.72 18.13
N MSE B 26 -10.59 -5.46 17.91
CA MSE B 26 -11.64 -4.52 17.49
C MSE B 26 -12.14 -4.89 16.07
O MSE B 26 -13.33 -4.81 15.79
CB MSE B 26 -11.13 -3.07 17.54
CG MSE B 26 -10.89 -2.56 18.93
SE MSE B 26 -10.54 -0.62 18.98
CE MSE B 26 -8.77 -0.55 18.23
N THR B 27 -11.25 -5.33 15.21
CA THR B 27 -11.67 -5.91 13.95
C THR B 27 -12.63 -7.10 14.14
N SER B 28 -12.35 -7.98 15.10
CA SER B 28 -13.27 -9.14 15.29
C SER B 28 -14.60 -8.70 15.90
N TRP B 29 -14.61 -7.60 16.64
CA TRP B 29 -15.86 -7.08 17.19
C TRP B 29 -16.62 -6.28 16.14
N GLN B 30 -16.04 -6.16 14.95
CA GLN B 30 -16.59 -5.36 13.84
C GLN B 30 -16.68 -3.86 14.18
N TRP B 31 -15.76 -3.36 14.98
CA TRP B 31 -15.65 -1.93 15.30
C TRP B 31 -14.82 -1.20 14.28
N GLU B 32 -15.11 0.08 14.07
CA GLU B 32 -14.29 0.92 13.22
C GLU B 32 -13.42 1.77 14.12
N PHE B 33 -12.19 1.99 13.69
CA PHE B 33 -11.26 2.80 14.47
C PHE B 33 -10.18 3.47 13.64
N ASP B 34 -9.66 4.56 14.18
CA ASP B 34 -8.46 5.20 13.67
C ASP B 34 -7.28 4.84 14.55
N TYR B 35 -6.09 4.77 13.96
CA TYR B 35 -4.90 4.32 14.68
C TYR B 35 -3.74 5.31 14.50
N ILE B 36 -3.03 5.60 15.58
CA ILE B 36 -1.81 6.44 15.57
C ILE B 36 -0.64 5.64 16.15
N PRO B 37 0.39 5.32 15.33
CA PRO B 37 1.57 4.64 15.85
C PRO B 37 2.31 5.48 16.90
N SER B 38 3.12 4.83 17.73
CA SER B 38 3.81 5.51 18.82
C SER B 38 4.73 6.63 18.42
N HIS B 39 5.30 6.57 17.21
CA HIS B 39 6.23 7.61 16.71
C HIS B 39 5.54 8.79 16.03
N VAL B 40 4.22 8.72 15.87
CA VAL B 40 3.46 9.74 15.16
C VAL B 40 2.78 10.65 16.18
N GLY B 41 3.02 11.96 16.03
CA GLY B 41 2.43 12.98 16.87
C GLY B 41 0.95 13.17 16.63
N LEU B 42 0.26 13.73 17.61
CA LEU B 42 -1.16 14.01 17.53
C LEU B 42 -1.38 15.46 17.97
N ASP B 43 -1.88 16.28 17.05
CA ASP B 43 -2.18 17.69 17.31
C ASP B 43 -3.70 17.88 17.33
N VAL B 44 -4.15 19.09 17.61
CA VAL B 44 -5.57 19.41 17.51
C VAL B 44 -6.12 19.13 16.11
N GLY B 45 -7.40 18.79 16.06
CA GLY B 45 -8.12 18.73 14.81
C GLY B 45 -9.22 17.70 14.82
N GLU B 46 -9.71 17.40 13.63
CA GLU B 46 -10.97 16.65 13.49
C GLU B 46 -10.83 15.21 13.92
N LEU B 47 -9.61 14.70 13.87
CA LEU B 47 -9.34 13.32 14.25
C LEU B 47 -9.67 13.08 15.72
N LEU B 48 -9.25 14.01 16.59
CA LEU B 48 -9.58 13.91 18.01
C LEU B 48 -11.04 14.22 18.24
N ALA B 49 -11.59 15.12 17.43
CA ALA B 49 -12.97 15.63 17.64
C ALA B 49 -14.05 14.60 17.37
N LYS B 50 -13.78 13.65 16.50
CA LYS B 50 -14.84 12.81 15.99
C LYS B 50 -14.81 11.43 16.61
N GLN B 51 -14.51 11.36 17.92
CA GLN B 51 -14.42 10.06 18.63
C GLN B 51 -15.40 9.94 19.80
N ASP B 52 -15.84 8.70 20.08
CA ASP B 52 -16.63 8.39 21.29
C ASP B 52 -15.78 7.62 22.31
N LEU B 53 -14.63 7.14 21.88
CA LEU B 53 -13.68 6.46 22.76
C LEU B 53 -12.26 6.73 22.30
N VAL B 54 -11.38 7.09 23.22
CA VAL B 54 -9.97 7.30 22.91
C VAL B 54 -9.17 6.38 23.80
N ILE B 55 -8.26 5.62 23.19
CA ILE B 55 -7.47 4.63 23.91
C ILE B 55 -6.00 5.05 23.78
N LEU B 56 -5.32 5.22 24.91
CA LEU B 56 -3.89 5.57 24.93
C LEU B 56 -3.15 4.41 25.60
N SER B 57 -2.24 3.82 24.84
CA SER B 57 -1.55 2.61 25.28
C SER B 57 -0.13 2.64 24.74
N ASP B 58 0.87 2.82 25.61
CA ASP B 58 2.26 2.97 25.15
C ASP B 58 2.43 4.09 24.10
N TYR B 59 1.71 5.18 24.36
CA TYR B 59 1.81 6.43 23.58
C TYR B 59 2.37 7.48 24.53
N PRO B 60 3.62 7.88 24.32
CA PRO B 60 4.27 8.81 25.22
C PRO B 60 3.58 10.19 25.19
N ALA B 61 3.51 10.82 26.35
CA ALA B 61 2.89 12.14 26.49
C ALA B 61 3.44 13.14 25.46
N GLU B 62 4.74 13.10 25.19
CA GLU B 62 5.36 14.10 24.28
C GLU B 62 4.89 14.00 22.83
N ARG B 63 4.22 12.91 22.48
CA ARG B 63 3.58 12.84 21.15
C ARG B 63 2.35 13.73 21.03
N MSE B 64 1.66 14.05 22.12
CA MSE B 64 0.50 14.96 22.05
C MSE B 64 0.88 16.37 22.35
O MSE B 64 1.44 16.63 23.41
CB MSE B 64 -0.63 14.59 23.02
CG MSE B 64 -1.31 13.30 22.73
SE MSE B 64 -3.01 13.10 23.72
CE MSE B 64 -4.12 14.34 22.82
N THR B 65 0.55 17.29 21.46
CA THR B 65 0.78 18.72 21.72
C THR B 65 -0.08 19.13 22.92
N ALA B 66 0.32 20.17 23.65
CA ALA B 66 -0.51 20.71 24.76
C ALA B 66 -1.96 21.02 24.35
N GLN B 67 -2.12 21.58 23.16
CA GLN B 67 -3.44 21.95 22.64
C GLN B 67 -4.28 20.68 22.41
N ALA B 68 -3.63 19.63 21.91
CA ALA B 68 -4.28 18.35 21.67
C ALA B 68 -4.80 17.76 22.99
N ILE B 69 -3.98 17.85 24.03
CA ILE B 69 -4.35 17.39 25.37
C ILE B 69 -5.57 18.15 25.90
N ASP B 70 -5.58 19.47 25.75
CA ASP B 70 -6.73 20.29 26.16
C ASP B 70 -8.01 19.91 25.38
N GLN B 71 -7.91 19.72 24.07
CA GLN B 71 -9.04 19.22 23.27
C GLN B 71 -9.55 17.87 23.82
N LEU B 72 -8.63 16.95 24.10
CA LEU B 72 -9.02 15.63 24.62
C LEU B 72 -9.72 15.75 25.99
N VAL B 73 -9.15 16.53 26.90
CA VAL B 73 -9.77 16.78 28.21
C VAL B 73 -11.19 17.35 28.06
N THR B 74 -11.35 18.30 27.14
CA THR B 74 -12.67 18.90 26.90
C THR B 74 -13.68 17.88 26.35
N MSE B 75 -13.23 17.08 25.38
N MSE B 75 -13.27 17.06 25.40
CA MSE B 75 -14.09 16.07 24.73
CA MSE B 75 -14.24 16.14 24.81
C MSE B 75 -14.53 15.02 25.75
C MSE B 75 -14.55 14.97 25.74
O MSE B 75 -15.68 14.59 25.73
O MSE B 75 -15.64 14.41 25.67
CB MSE B 75 -13.38 15.35 23.57
CB MSE B 75 -13.83 15.68 23.42
CG MSE B 75 -13.08 16.13 22.25
CG MSE B 75 -12.58 14.87 23.35
SE MSE B 75 -14.39 17.36 21.45
SE MSE B 75 -12.09 14.67 21.46
CE MSE B 75 -14.01 18.83 22.69
CE MSE B 75 -12.55 16.49 20.93
N VAL B 76 -13.61 14.63 26.64
CA VAL B 76 -13.90 13.63 27.70
C VAL B 76 -14.93 14.19 28.69
N LYS B 77 -14.76 15.44 29.12
CA LYS B 77 -15.75 16.06 30.02
C LYS B 77 -17.12 16.20 29.35
N ALA B 78 -17.13 16.37 28.03
CA ALA B 78 -18.39 16.42 27.30
C ALA B 78 -18.98 15.02 26.98
N GLY B 79 -18.29 13.94 27.34
CA GLY B 79 -18.87 12.60 27.20
C GLY B 79 -18.03 11.53 26.50
N CYS B 80 -16.95 11.93 25.83
CA CYS B 80 -16.05 10.97 25.18
C CYS B 80 -15.38 10.06 26.20
N GLY B 81 -15.38 8.76 25.94
CA GLY B 81 -14.70 7.83 26.83
C GLY B 81 -13.19 7.90 26.69
N LEU B 82 -12.49 7.65 27.78
CA LEU B 82 -11.02 7.61 27.75
C LEU B 82 -10.54 6.42 28.53
N VAL B 83 -9.68 5.61 27.89
CA VAL B 83 -9.01 4.48 28.53
C VAL B 83 -7.50 4.64 28.40
N MSE B 84 -6.76 4.48 29.50
CA MSE B 84 -5.32 4.30 29.41
C MSE B 84 -5.02 2.84 29.76
O MSE B 84 -5.61 2.29 30.72
CB MSE B 84 -4.54 5.25 30.33
CG MSE B 84 -3.01 5.11 30.19
SE MSE B 84 -2.08 6.69 30.88
CE MSE B 84 -2.35 7.86 29.32
N LEU B 85 -4.17 2.21 28.94
CA LEU B 85 -3.68 0.87 29.18
C LEU B 85 -2.19 0.95 29.56
N GLY B 86 -1.78 0.16 30.56
CA GLY B 86 -0.40 0.22 31.05
C GLY B 86 0.63 -0.22 30.02
N GLY B 87 1.87 0.17 30.28
CA GLY B 87 2.98 -0.07 29.42
C GLY B 87 4.16 0.79 29.86
N TRP B 88 5.33 0.57 29.27
CA TRP B 88 6.51 1.32 29.67
C TRP B 88 6.42 2.79 29.24
N GLU B 89 5.59 3.09 28.24
CA GLU B 89 5.35 4.50 27.86
C GLU B 89 3.92 4.98 28.14
N SER B 90 3.24 4.32 29.07
CA SER B 90 2.02 4.84 29.68
C SER B 90 2.29 5.34 31.12
N TYR B 91 1.29 5.99 31.70
CA TYR B 91 1.37 6.57 33.02
C TYR B 91 2.70 7.33 33.11
N HIS B 92 3.51 7.12 34.14
CA HIS B 92 4.82 7.74 34.13
C HIS B 92 5.82 6.92 33.29
N GLY B 93 5.98 5.67 33.66
CA GLY B 93 6.79 4.76 32.86
C GLY B 93 8.22 5.19 32.73
N LEU B 94 8.82 4.85 31.59
CA LEU B 94 10.11 5.37 31.13
C LEU B 94 9.83 6.00 29.78
N GLY B 95 9.50 7.29 29.81
CA GLY B 95 9.12 8.04 28.60
C GLY B 95 7.61 8.31 28.50
N GLY B 96 6.82 7.82 29.44
CA GLY B 96 5.39 8.05 29.46
C GLY B 96 5.07 9.48 29.84
N ASN B 97 5.43 9.82 31.07
CA ASN B 97 5.34 11.19 31.59
C ASN B 97 3.97 11.81 31.58
N TRP B 98 2.93 10.98 31.71
CA TRP B 98 1.55 11.50 31.67
C TRP B 98 1.17 12.30 32.90
N ASP B 99 1.94 12.11 33.97
CA ASP B 99 1.78 12.92 35.18
C ASP B 99 2.02 14.40 34.94
N GLN B 100 2.82 14.72 33.91
CA GLN B 100 3.20 16.10 33.58
C GLN B 100 2.21 16.78 32.67
N THR B 101 1.09 16.13 32.39
CA THR B 101 0.06 16.68 31.48
C THR B 101 -1.23 17.02 32.20
N LEU B 102 -2.07 17.83 31.55
CA LEU B 102 -3.39 18.16 32.11
C LEU B 102 -4.39 16.99 31.97
N LEU B 103 -4.03 15.97 31.20
CA LEU B 103 -4.83 14.73 31.12
C LEU B 103 -4.86 14.00 32.48
N ALA B 104 -3.84 14.20 33.29
CA ALA B 104 -3.83 13.63 34.65
C ALA B 104 -5.07 14.02 35.45
N GLU B 105 -5.64 15.19 35.19
CA GLU B 105 -6.83 15.68 35.91
C GLU B 105 -8.02 14.74 35.75
N VAL B 106 -8.17 14.16 34.55
CA VAL B 106 -9.39 13.37 34.23
C VAL B 106 -9.23 11.88 34.43
N LEU B 107 -7.99 11.39 34.47
CA LEU B 107 -7.76 9.98 34.72
C LEU B 107 -8.19 9.65 36.16
N PRO B 108 -8.71 8.42 36.40
CA PRO B 108 -9.22 8.14 37.77
C PRO B 108 -8.15 7.68 38.73
N VAL B 109 -6.87 7.84 38.36
CA VAL B 109 -5.74 7.42 39.18
C VAL B 109 -4.71 8.55 39.31
N ASP B 110 -3.98 8.53 40.41
CA ASP B 110 -2.85 9.43 40.62
C ASP B 110 -1.65 8.68 39.99
N ILE B 111 -0.84 9.43 39.24
CA ILE B 111 0.29 8.90 38.50
C ILE B 111 1.55 9.40 39.20
N LYS B 112 2.51 8.52 39.35
CA LYS B 112 3.79 8.85 39.97
C LYS B 112 4.64 9.82 39.16
N SER B 113 5.62 10.47 39.82
CA SER B 113 6.58 11.30 39.11
C SER B 113 7.97 10.63 39.06
N ALA B 114 8.00 9.32 39.29
CA ALA B 114 9.21 8.53 39.23
C ALA B 114 8.84 7.22 38.59
N ASP B 115 9.83 6.46 38.14
CA ASP B 115 9.59 5.17 37.47
C ASP B 115 8.54 4.32 38.25
N ASP B 116 7.47 3.97 37.55
CA ASP B 116 6.35 3.23 38.10
C ASP B 116 6.20 1.84 37.52
N ARG B 117 7.20 1.41 36.75
CA ARG B 117 7.17 0.09 36.11
C ARG B 117 7.47 -1.02 37.09
N ILE B 118 6.58 -2.00 37.16
CA ILE B 118 6.83 -3.24 37.94
C ILE B 118 6.73 -4.44 37.00
N ASN B 119 7.79 -5.23 36.92
CA ASN B 119 7.82 -6.39 36.07
C ASN B 119 7.76 -7.63 36.96
N PHE B 120 6.87 -8.57 36.65
CA PHE B 120 6.74 -9.75 37.50
C PHE B 120 7.46 -10.95 36.92
N ASP B 121 8.49 -11.44 37.60
CA ASP B 121 9.17 -12.67 37.22
C ASP B 121 8.57 -13.89 37.90
N GLN B 122 7.64 -13.65 38.83
CA GLN B 122 6.88 -14.75 39.42
C GLN B 122 5.38 -14.48 39.29
N PRO B 123 4.55 -15.48 39.57
CA PRO B 123 3.14 -15.38 39.31
C PRO B 123 2.40 -14.25 40.00
N THR B 124 1.67 -13.49 39.20
CA THR B 124 0.79 -12.45 39.66
C THR B 124 -0.59 -12.69 39.02
N LEU B 125 -1.64 -12.61 39.85
CA LEU B 125 -3.00 -12.91 39.44
C LEU B 125 -3.85 -11.65 39.49
N ALA B 126 -4.71 -11.51 38.50
CA ALA B 126 -5.77 -10.53 38.48
C ALA B 126 -6.95 -11.07 39.31
N ILE B 127 -7.38 -10.31 40.29
CA ILE B 127 -8.50 -10.72 41.14
C ILE B 127 -9.45 -9.54 41.37
N PRO B 128 -10.76 -9.81 41.55
CA PRO B 128 -11.62 -8.65 41.78
C PRO B 128 -11.30 -7.95 43.11
N ALA B 129 -11.46 -6.63 43.15
CA ALA B 129 -11.12 -5.83 44.33
C ALA B 129 -11.99 -6.14 45.53
N ALA B 130 -13.27 -6.44 45.29
CA ALA B 130 -14.26 -6.64 46.36
C ALA B 130 -15.33 -7.58 45.82
N ILE B 131 -16.13 -8.13 46.74
CA ILE B 131 -17.15 -9.12 46.37
C ILE B 131 -18.18 -8.54 45.37
N ASN B 132 -18.49 -7.26 45.52
CA ASN B 132 -19.38 -6.55 44.61
C ASN B 132 -18.77 -6.16 43.25
N SER B 133 -17.44 -6.20 43.13
CA SER B 133 -16.78 -5.76 41.90
C SER B 133 -17.28 -6.53 40.68
N VAL B 134 -17.50 -7.82 40.87
CA VAL B 134 -17.94 -8.71 39.79
C VAL B 134 -19.32 -8.41 39.20
N SER B 135 -20.13 -7.59 39.87
N SER B 135 -20.11 -7.58 39.87
CA SER B 135 -21.40 -7.13 39.29
CA SER B 135 -21.38 -7.11 39.34
C SER B 135 -21.23 -5.91 38.35
C SER B 135 -21.23 -5.92 38.37
N HIS B 136 -20.04 -5.33 38.30
CA HIS B 136 -19.78 -4.23 37.38
C HIS B 136 -19.80 -4.75 35.95
N PRO B 137 -20.37 -4.00 35.01
CA PRO B 137 -20.47 -4.57 33.65
C PRO B 137 -19.12 -5.06 33.04
N ILE B 138 -18.01 -4.44 33.40
CA ILE B 138 -16.73 -4.80 32.79
C ILE B 138 -16.34 -6.22 33.22
N LEU B 139 -16.67 -6.59 34.46
CA LEU B 139 -16.25 -7.88 35.05
C LEU B 139 -17.30 -9.00 34.90
N GLN B 140 -18.50 -8.68 34.48
CA GLN B 140 -19.59 -9.69 34.34
C GLN B 140 -19.27 -10.86 33.40
N ASN B 141 -19.76 -12.05 33.73
CA ASN B 141 -19.69 -13.23 32.84
C ASN B 141 -18.27 -13.69 32.49
N LEU B 142 -17.37 -13.47 33.43
CA LEU B 142 -15.96 -13.86 33.33
C LEU B 142 -15.59 -14.67 34.56
N PRO B 143 -14.72 -15.68 34.41
CA PRO B 143 -14.49 -16.62 35.52
C PRO B 143 -13.37 -16.19 36.46
N TRP B 144 -13.57 -15.10 37.20
CA TRP B 144 -12.53 -14.59 38.08
C TRP B 144 -12.19 -15.58 39.19
N GLU B 145 -13.20 -16.27 39.69
CA GLU B 145 -13.02 -17.25 40.76
C GLU B 145 -12.50 -18.59 40.24
N ASP B 146 -13.11 -19.13 39.18
CA ASP B 146 -12.69 -20.43 38.68
C ASP B 146 -11.33 -20.40 37.95
N ARG B 147 -10.96 -19.24 37.43
CA ARG B 147 -9.82 -19.14 36.52
C ARG B 147 -9.16 -17.74 36.52
N PRO B 148 -8.65 -17.32 37.69
CA PRO B 148 -7.98 -16.03 37.78
C PRO B 148 -6.78 -16.01 36.84
N PRO B 149 -6.73 -15.03 35.94
CA PRO B 149 -5.66 -15.01 34.93
C PRO B 149 -4.36 -14.35 35.48
N THR B 150 -3.22 -14.67 34.86
CA THR B 150 -1.95 -14.10 35.21
C THR B 150 -1.64 -12.85 34.35
N ILE B 151 -0.90 -11.90 34.92
CA ILE B 151 -0.33 -10.77 34.20
C ILE B 151 1.20 -10.69 34.44
N GLY B 152 1.91 -10.08 33.51
CA GLY B 152 3.38 -10.01 33.56
C GLY B 152 3.98 -8.73 34.14
N GLY B 153 3.19 -7.68 34.30
CA GLY B 153 3.69 -6.43 34.88
C GLY B 153 2.63 -5.36 34.86
N LEU B 154 2.96 -4.21 35.43
CA LEU B 154 2.01 -3.09 35.51
C LEU B 154 2.73 -1.83 35.92
N ASN B 155 2.11 -0.68 35.66
CA ASN B 155 2.52 0.57 36.20
C ASN B 155 1.84 0.71 37.57
N ARG B 156 2.60 1.10 38.57
CA ARG B 156 2.07 1.36 39.92
C ARG B 156 1.28 2.67 39.93
N ILE B 157 -0.05 2.57 40.04
CA ILE B 157 -0.94 3.71 40.02
C ILE B 157 -1.88 3.59 41.23
N ALA B 158 -2.46 4.70 41.68
CA ALA B 158 -3.29 4.69 42.90
C ALA B 158 -4.68 5.26 42.53
N ALA B 159 -5.75 4.59 42.96
CA ALA B 159 -7.10 5.12 42.72
C ALA B 159 -7.29 6.46 43.39
N LYS B 160 -7.91 7.38 42.67
CA LYS B 160 -8.38 8.62 43.27
C LYS B 160 -9.55 8.32 44.18
N ALA B 161 -9.83 9.25 45.10
CA ALA B 161 -10.89 9.11 46.10
C ALA B 161 -12.26 8.82 45.47
N LYS B 162 -12.63 9.49 44.39
CA LYS B 162 -13.99 9.30 43.85
C LYS B 162 -14.06 8.14 42.84
N ALA B 163 -12.95 7.43 42.66
CA ALA B 163 -12.85 6.36 41.66
C ALA B 163 -13.22 5.00 42.29
N GLN B 164 -13.52 4.01 41.46
CA GLN B 164 -13.84 2.69 41.93
C GLN B 164 -12.77 1.72 41.42
N THR B 165 -12.12 0.99 42.33
CA THR B 165 -11.18 -0.06 41.96
C THR B 165 -11.95 -1.34 41.73
N LEU B 166 -11.83 -1.90 40.54
CA LEU B 166 -12.52 -3.13 40.13
C LEU B 166 -11.62 -4.38 40.23
N LEU B 167 -10.35 -4.23 39.90
CA LEU B 167 -9.43 -5.34 39.92
C LEU B 167 -8.15 -4.93 40.65
N MSE B 168 -7.58 -5.92 41.35
CA MSE B 168 -6.28 -5.85 41.96
C MSE B 168 -5.38 -6.91 41.31
O MSE B 168 -5.86 -7.85 40.61
CB MSE B 168 -6.36 -6.11 43.47
CG MSE B 168 -7.22 -5.17 44.24
SE MSE B 168 -6.42 -3.40 44.41
CE MSE B 168 -4.79 -3.78 45.36
N ALA B 169 -4.07 -6.72 41.48
CA ALA B 169 -3.11 -7.72 41.07
C ALA B 169 -2.43 -8.20 42.35
N ARG B 170 -2.49 -9.49 42.62
CA ARG B 170 -1.84 -10.09 43.80
C ARG B 170 -0.57 -10.79 43.37
N VAL B 171 0.54 -10.31 43.91
CA VAL B 171 1.87 -10.86 43.64
C VAL B 171 2.18 -12.02 44.56
N TRP B 172 2.53 -13.16 43.96
CA TRP B 172 2.92 -14.36 44.64
C TRP B 172 4.44 -14.61 44.49
N ARG B 173 5.04 -15.17 45.52
CA ARG B 173 6.48 -15.47 45.51
C ARG B 173 6.63 -16.91 45.98
N PRO B 174 6.30 -17.86 45.09
CA PRO B 174 6.48 -19.30 45.36
C PRO B 174 7.96 -19.65 45.53
N THR B 175 8.21 -20.65 46.37
CA THR B 175 9.50 -21.26 46.45
C THR B 175 9.28 -22.74 46.18
N PHE B 176 10.32 -23.39 45.70
CA PHE B 176 10.27 -24.83 45.37
C PHE B 176 11.33 -25.57 46.15
N SER B 177 10.96 -26.73 46.69
CA SER B 177 11.90 -27.57 47.37
C SER B 177 12.20 -28.76 46.49
N LEU B 178 13.47 -28.91 46.11
CA LEU B 178 13.92 -30.02 45.28
C LEU B 178 13.81 -31.32 46.04
N GLU B 179 14.28 -31.24 47.28
CA GLU B 179 14.33 -32.37 48.15
C GLU B 179 12.93 -32.95 48.32
N HIS B 180 11.92 -32.09 48.45
CA HIS B 180 10.54 -32.55 48.65
C HIS B 180 9.62 -32.46 47.42
N GLY B 181 10.11 -31.92 46.30
CA GLY B 181 9.30 -31.76 45.08
C GLY B 181 7.98 -31.07 45.35
N LYS B 182 8.05 -29.99 46.11
CA LYS B 182 6.87 -29.30 46.59
C LYS B 182 7.11 -27.82 46.47
N THR B 183 6.10 -27.14 45.97
CA THR B 183 6.10 -25.71 45.82
C THR B 183 5.29 -25.16 46.98
N THR B 184 5.81 -24.11 47.61
CA THR B 184 5.14 -23.40 48.68
C THR B 184 4.78 -22.01 48.17
N TRP B 185 3.51 -21.65 48.33
CA TRP B 185 2.95 -20.42 47.80
C TRP B 185 2.81 -19.41 48.91
N GLU B 186 3.50 -18.29 48.75
CA GLU B 186 3.49 -17.20 49.72
C GLU B 186 3.05 -15.94 48.96
N HIS B 187 2.11 -15.17 49.52
CA HIS B 187 1.67 -13.96 48.90
C HIS B 187 2.57 -12.81 49.39
N ALA B 188 2.82 -11.81 48.54
CA ALA B 188 3.88 -10.78 48.80
C ALA B 188 3.50 -9.29 48.69
N ASP B 189 2.60 -8.97 47.79
CA ASP B 189 2.33 -7.59 47.46
C ASP B 189 1.01 -7.56 46.68
N HIS B 190 0.48 -6.37 46.46
N HIS B 190 0.28 -6.46 46.67
CA HIS B 190 -0.87 -6.16 45.96
CA HIS B 190 -0.80 -6.31 45.71
C HIS B 190 -0.81 -4.83 45.21
C HIS B 190 -0.84 -4.88 45.20
N HIS B 191 -1.43 -4.71 44.03
CA HIS B 191 -1.43 -3.44 43.29
C HIS B 191 -2.78 -3.23 42.65
N PRO B 192 -3.25 -1.97 42.54
CA PRO B 192 -4.43 -1.72 41.72
C PRO B 192 -4.19 -2.12 40.30
N LEU B 193 -5.22 -2.69 39.68
CA LEU B 193 -5.13 -3.19 38.33
C LEU B 193 -6.15 -2.57 37.36
N LEU B 194 -7.38 -2.35 37.81
CA LEU B 194 -8.35 -1.65 36.99
C LEU B 194 -9.12 -0.72 37.89
N VAL B 195 -9.06 0.57 37.54
CA VAL B 195 -9.75 1.64 38.26
C VAL B 195 -10.58 2.40 37.24
N VAL B 196 -11.85 2.68 37.59
CA VAL B 196 -12.75 3.44 36.71
C VAL B 196 -13.33 4.65 37.44
N GLY B 197 -13.83 5.59 36.65
CA GLY B 197 -14.37 6.82 37.18
C GLY B 197 -15.07 7.63 36.10
N GLU B 198 -15.38 8.87 36.46
CA GLU B 198 -16.05 9.81 35.58
C GLU B 198 -15.21 11.07 35.54
N ALA B 199 -15.33 11.82 34.44
CA ALA B 199 -14.85 13.18 34.37
C ALA B 199 -15.90 13.93 33.55
N GLY B 200 -16.55 14.92 34.16
CA GLY B 200 -17.78 15.47 33.56
C GLY B 200 -18.75 14.31 33.27
N THR B 201 -19.17 14.19 32.01
CA THR B 201 -20.12 13.14 31.58
C THR B 201 -19.42 11.95 30.90
N GLY B 202 -18.11 12.04 30.72
CA GLY B 202 -17.35 10.95 30.17
C GLY B 202 -16.96 9.95 31.23
N ARG B 203 -16.79 8.71 30.78
CA ARG B 203 -16.29 7.64 31.62
C ARG B 203 -14.82 7.48 31.33
N VAL B 204 -14.06 7.15 32.36
CA VAL B 204 -12.62 6.97 32.22
C VAL B 204 -12.21 5.63 32.83
N ALA B 205 -11.23 4.98 32.24
CA ALA B 205 -10.70 3.76 32.82
C ALA B 205 -9.20 3.75 32.73
N ALA B 206 -8.60 3.23 33.78
CA ALA B 206 -7.18 3.07 33.89
C ALA B 206 -6.90 1.60 34.20
N PHE B 207 -6.34 0.89 33.23
CA PHE B 207 -5.87 -0.50 33.39
C PHE B 207 -4.35 -0.45 33.54
N ALA B 208 -3.85 -1.01 34.63
CA ALA B 208 -2.46 -0.79 35.03
C ALA B 208 -1.53 -1.69 34.25
N SER B 209 -2.04 -2.83 33.78
CA SER B 209 -1.26 -3.72 32.95
C SER B 209 -1.42 -3.39 31.46
N ASP B 210 -0.82 -4.22 30.60
CA ASP B 210 -0.80 -4.00 29.16
C ASP B 210 -1.83 -4.91 28.49
N VAL B 211 -2.33 -4.44 27.35
CA VAL B 211 -3.17 -5.26 26.45
C VAL B 211 -2.32 -6.18 25.54
N ALA B 212 -1.04 -5.89 25.45
CA ALA B 212 -0.13 -6.58 24.54
C ALA B 212 1.16 -6.92 25.27
N PRO B 213 2.03 -7.70 24.62
CA PRO B 213 3.27 -8.12 25.27
C PRO B 213 4.18 -6.90 25.54
N HIS B 214 5.08 -7.01 26.53
CA HIS B 214 5.30 -8.23 27.31
C HIS B 214 4.49 -8.34 28.61
N TRP B 215 3.86 -7.25 29.06
CA TRP B 215 3.13 -7.29 30.33
C TRP B 215 1.79 -7.99 30.33
N VAL B 216 1.16 -8.15 29.16
CA VAL B 216 -0.17 -8.74 29.20
C VAL B 216 -0.11 -10.14 29.82
N GLY B 217 0.99 -10.84 29.60
CA GLY B 217 1.20 -12.15 30.20
C GLY B 217 0.14 -13.15 29.78
N GLY B 218 -0.21 -14.06 30.70
CA GLY B 218 -1.18 -15.10 30.43
C GLY B 218 -2.57 -14.63 30.11
N LEU B 219 -2.88 -13.40 30.50
CA LEU B 219 -4.17 -12.80 30.18
C LEU B 219 -4.47 -12.84 28.68
N VAL B 220 -3.45 -12.75 27.85
CA VAL B 220 -3.67 -12.74 26.40
C VAL B 220 -4.29 -14.06 25.89
N ASP B 221 -4.07 -15.15 26.62
CA ASP B 221 -4.53 -16.48 26.28
C ASP B 221 -5.70 -16.93 27.15
N TRP B 222 -6.30 -15.99 27.88
CA TRP B 222 -7.30 -16.36 28.86
C TRP B 222 -8.50 -17.02 28.20
N GLY B 223 -8.82 -18.21 28.70
CA GLY B 223 -9.93 -19.00 28.24
C GLY B 223 -9.52 -20.34 27.68
N ASP B 224 -10.52 -21.18 27.40
CA ASP B 224 -10.28 -22.49 26.76
C ASP B 224 -10.38 -22.46 25.26
N GLU B 225 -10.68 -21.32 24.68
CA GLU B 225 -10.88 -21.23 23.25
C GLU B 225 -9.97 -20.18 22.66
N ARG B 226 -9.92 -20.12 21.34
CA ARG B 226 -9.03 -19.24 20.61
C ARG B 226 -9.84 -18.34 19.69
N VAL B 227 -9.57 -17.04 19.71
CA VAL B 227 -10.11 -16.11 18.73
C VAL B 227 -9.02 -15.73 17.77
N THR B 228 -9.31 -15.76 16.47
CA THR B 228 -8.33 -15.40 15.45
C THR B 228 -8.86 -14.22 14.66
N SER B 229 -7.96 -13.28 14.36
CA SER B 229 -8.32 -12.05 13.68
C SER B 229 -7.07 -11.48 13.02
N GLN B 230 -7.27 -10.56 12.10
CA GLN B 230 -6.17 -9.78 11.58
C GLN B 230 -6.69 -8.42 11.14
N ALA B 231 -6.28 -7.38 11.84
CA ALA B 231 -6.67 -6.02 11.44
C ALA B 231 -5.91 -5.68 10.16
N PRO B 232 -6.53 -4.91 9.25
CA PRO B 232 -5.77 -4.44 8.07
C PRO B 232 -4.48 -3.72 8.45
N GLY B 233 -3.38 -4.11 7.82
CA GLY B 233 -2.07 -3.53 8.06
C GLY B 233 -1.36 -4.10 9.28
N ALA B 234 -1.98 -5.07 9.97
CA ALA B 234 -1.45 -5.67 11.20
C ALA B 234 -1.07 -7.11 10.98
N GLY B 235 -0.39 -7.69 11.96
CA GLY B 235 -0.11 -9.12 11.91
C GLY B 235 -1.36 -9.86 12.37
N ALA B 236 -1.48 -11.13 11.95
CA ALA B 236 -2.58 -12.02 12.38
C ALA B 236 -2.36 -12.34 13.86
N ILE B 237 -3.44 -12.45 14.60
CA ILE B 237 -3.38 -12.81 16.02
C ILE B 237 -4.25 -14.04 16.27
N GLU B 238 -3.92 -14.73 17.35
CA GLU B 238 -4.66 -15.85 17.86
C GLU B 238 -4.54 -15.69 19.35
N VAL B 239 -5.67 -15.47 20.01
CA VAL B 239 -5.72 -15.10 21.43
C VAL B 239 -6.88 -15.82 22.14
N GLY B 240 -6.94 -15.68 23.46
CA GLY B 240 -7.97 -16.32 24.23
C GLY B 240 -9.34 -15.64 24.09
N ASN B 241 -10.37 -16.45 24.13
CA ASN B 241 -11.74 -15.97 24.07
C ASN B 241 -12.06 -15.06 25.23
N LEU B 242 -11.53 -15.33 26.42
CA LEU B 242 -11.85 -14.46 27.59
C LEU B 242 -11.09 -13.14 27.57
N TYR B 243 -9.86 -13.16 27.08
CA TYR B 243 -9.12 -11.93 26.76
C TYR B 243 -9.94 -11.00 25.87
N SER B 244 -10.50 -11.53 24.80
CA SER B 244 -11.31 -10.69 23.89
C SER B 244 -12.53 -10.12 24.61
N GLN B 245 -13.22 -10.99 25.31
CA GLN B 245 -14.44 -10.63 26.02
C GLN B 245 -14.16 -9.55 27.07
N PHE B 246 -13.08 -9.71 27.82
CA PHE B 246 -12.72 -8.76 28.88
C PHE B 246 -12.41 -7.35 28.34
N PHE B 247 -11.54 -7.26 27.33
CA PHE B 247 -11.25 -5.95 26.73
C PHE B 247 -12.44 -5.37 26.02
N ARG B 248 -13.28 -6.23 25.44
CA ARG B 248 -14.52 -5.78 24.83
C ARG B 248 -15.44 -5.13 25.88
N GLN B 249 -15.66 -5.80 27.00
CA GLN B 249 -16.56 -5.29 28.04
C GLN B 249 -15.97 -4.02 28.66
N MSE B 250 -14.65 -3.97 28.76
CA MSE B 250 -13.98 -2.77 29.28
C MSE B 250 -14.23 -1.57 28.37
O MSE B 250 -14.65 -0.49 28.81
CB MSE B 250 -12.48 -2.98 29.40
CG MSE B 250 -11.75 -1.76 30.06
SE MSE B 250 -9.80 -1.86 29.89
CE MSE B 250 -9.54 -3.63 30.72
N LEU B 251 -13.95 -1.77 27.08
CA LEU B 251 -14.06 -0.68 26.12
C LEU B 251 -15.50 -0.29 25.86
N GLU B 252 -16.41 -1.26 25.78
CA GLU B 252 -17.85 -0.95 25.71
C GLU B 252 -18.37 -0.08 26.86
N TRP B 253 -17.97 -0.40 28.09
CA TRP B 253 -18.39 0.38 29.24
C TRP B 253 -17.87 1.83 29.12
N VAL B 254 -16.60 1.99 28.81
CA VAL B 254 -16.02 3.35 28.71
C VAL B 254 -16.70 4.16 27.60
N ALA B 255 -16.96 3.51 26.47
CA ALA B 255 -17.60 4.14 25.33
C ALA B 255 -19.11 4.31 25.54
N LYS B 256 -19.64 3.68 26.57
CA LYS B 256 -21.07 3.62 26.83
C LYS B 256 -21.87 2.94 25.69
N SER B 257 -21.33 1.87 25.08
CA SER B 257 -22.11 0.87 24.29
C SER B 257 -21.19 -0.27 23.87
N ARG C 6 31.76 -18.11 16.82
CA ARG C 6 30.97 -18.16 15.54
C ARG C 6 29.56 -18.72 15.75
N VAL C 7 28.60 -17.82 15.85
CA VAL C 7 27.22 -18.16 16.18
C VAL C 7 26.30 -17.74 15.03
N LEU C 8 25.39 -18.61 14.63
CA LEU C 8 24.32 -18.26 13.68
C LEU C 8 23.00 -18.33 14.42
N TYR C 9 22.24 -17.22 14.33
CA TYR C 9 20.94 -17.12 14.95
C TYR C 9 19.89 -16.88 13.88
N CYS C 10 18.91 -17.78 13.82
CA CYS C 10 17.84 -17.70 12.83
C CYS C 10 16.49 -17.62 13.51
N GLY C 11 15.73 -16.59 13.14
CA GLY C 11 14.29 -16.56 13.45
C GLY C 11 13.86 -15.38 14.29
N ASP C 12 12.76 -15.55 15.05
CA ASP C 12 12.21 -14.51 15.89
C ASP C 12 11.88 -13.23 15.13
N THR C 13 11.45 -13.47 13.87
CA THR C 13 10.94 -12.47 12.94
C THR C 13 12.03 -11.54 12.42
N SER C 14 12.42 -10.58 13.26
CA SER C 14 13.40 -9.57 12.85
C SER C 14 14.11 -8.94 14.06
N LEU C 15 15.29 -8.37 13.81
CA LEU C 15 16.06 -7.70 14.85
C LEU C 15 15.25 -6.56 15.49
N GLU C 16 14.44 -5.84 14.71
CA GLU C 16 13.65 -4.75 15.27
C GLU C 16 12.48 -5.24 16.12
N THR C 17 12.16 -6.54 16.02
CA THR C 17 11.11 -7.16 16.82
C THR C 17 11.72 -8.19 17.79
N ALA C 18 11.25 -9.43 17.81
CA ALA C 18 11.57 -10.35 18.90
C ALA C 18 13.01 -10.82 18.96
N ALA C 19 13.67 -10.83 17.80
CA ALA C 19 15.08 -11.28 17.74
C ALA C 19 16.00 -10.33 18.49
N GLY C 20 15.53 -9.11 18.73
CA GLY C 20 16.30 -8.14 19.50
C GLY C 20 16.63 -8.57 20.91
N TYR C 21 15.86 -9.51 21.44
CA TYR C 21 16.10 -9.98 22.81
C TYR C 21 17.40 -10.77 22.88
N LEU C 22 17.44 -11.91 22.21
CA LEU C 22 18.65 -12.69 22.23
C LEU C 22 19.81 -11.99 21.54
N ALA C 23 19.57 -11.24 20.46
CA ALA C 23 20.63 -10.45 19.83
C ALA C 23 21.22 -9.43 20.81
N GLY C 24 20.37 -8.74 21.56
CA GLY C 24 20.81 -7.87 22.65
C GLY C 24 21.60 -8.59 23.74
N LEU C 25 21.09 -9.74 24.18
CA LEU C 25 21.80 -10.57 25.15
C LEU C 25 23.22 -10.90 24.66
N MSE C 26 23.33 -11.41 23.44
CA MSE C 26 24.64 -11.76 22.88
C MSE C 26 25.55 -10.55 22.79
O MSE C 26 26.75 -10.63 23.09
CB MSE C 26 24.47 -12.46 21.53
CG MSE C 26 23.79 -13.80 21.69
SE MSE C 26 23.85 -14.97 20.13
CE MSE C 26 22.64 -13.97 18.95
N THR C 27 24.98 -9.40 22.42
CA THR C 27 25.79 -8.18 22.38
C THR C 27 26.33 -7.88 23.79
N SER C 28 25.49 -8.00 24.81
CA SER C 28 25.95 -7.73 26.18
C SER C 28 26.99 -8.71 26.63
N TRP C 29 26.96 -9.93 26.10
CA TRP C 29 28.00 -10.89 26.45
C TRP C 29 29.24 -10.71 25.57
N GLN C 30 29.21 -9.73 24.67
CA GLN C 30 30.31 -9.42 23.73
C GLN C 30 30.59 -10.55 22.75
N TRP C 31 29.53 -11.23 22.36
CA TRP C 31 29.61 -12.27 21.33
C TRP C 31 29.36 -11.62 19.99
N GLU C 32 29.99 -12.14 18.94
CA GLU C 32 29.59 -11.77 17.58
C GLU C 32 28.71 -12.89 17.04
N PHE C 33 27.82 -12.53 16.12
CA PHE C 33 26.95 -13.50 15.49
C PHE C 33 26.47 -13.01 14.13
N ASP C 34 26.05 -14.00 13.34
CA ASP C 34 25.30 -13.81 12.11
C ASP C 34 23.79 -13.95 12.39
N TYR C 35 22.95 -13.19 11.70
CA TYR C 35 21.50 -13.29 11.94
C TYR C 35 20.72 -13.48 10.64
N ILE C 36 19.71 -14.33 10.70
CA ILE C 36 18.79 -14.54 9.57
C ILE C 36 17.34 -14.30 10.03
N PRO C 37 16.63 -13.33 9.43
CA PRO C 37 15.22 -13.16 9.77
C PRO C 37 14.33 -14.34 9.33
N SER C 38 13.15 -14.46 9.94
CA SER C 38 12.27 -15.57 9.69
C SER C 38 11.77 -15.66 8.24
N HIS C 39 11.75 -14.55 7.50
CA HIS C 39 11.29 -14.56 6.09
C HIS C 39 12.40 -14.88 5.06
N VAL C 40 13.64 -15.03 5.54
CA VAL C 40 14.81 -15.18 4.67
C VAL C 40 15.19 -16.66 4.71
N GLY C 41 15.32 -17.26 3.53
CA GLY C 41 15.62 -18.66 3.41
C GLY C 41 17.09 -18.92 3.58
N LEU C 42 17.41 -20.19 3.84
CA LEU C 42 18.78 -20.64 3.97
C LEU C 42 18.96 -21.86 3.08
N ASP C 43 19.99 -21.82 2.23
CA ASP C 43 20.36 -22.92 1.34
C ASP C 43 21.77 -23.41 1.78
N VAL C 44 22.20 -24.53 1.22
CA VAL C 44 23.54 -25.01 1.45
C VAL C 44 24.52 -23.89 1.08
N GLY C 45 25.51 -23.66 1.93
CA GLY C 45 26.44 -22.59 1.69
C GLY C 45 27.44 -22.42 2.80
N GLU C 46 28.25 -21.37 2.67
CA GLU C 46 29.35 -21.06 3.60
C GLU C 46 28.86 -20.66 5.00
N LEU C 47 27.67 -20.06 5.06
CA LEU C 47 27.13 -19.56 6.31
C LEU C 47 26.92 -20.69 7.32
N LEU C 48 26.32 -21.81 6.88
CA LEU C 48 26.18 -23.00 7.73
C LEU C 48 27.49 -23.79 7.99
N ALA C 49 28.49 -23.61 7.15
CA ALA C 49 29.72 -24.40 7.27
C ALA C 49 30.71 -23.84 8.28
N LYS C 50 30.51 -22.58 8.69
CA LYS C 50 31.48 -21.80 9.48
C LYS C 50 31.05 -21.56 10.94
N GLN C 51 30.04 -22.27 11.41
CA GLN C 51 29.47 -21.94 12.71
C GLN C 51 29.93 -22.95 13.75
N ASP C 52 30.06 -22.48 14.99
CA ASP C 52 30.26 -23.34 16.18
C ASP C 52 28.95 -23.53 16.98
N LEU C 53 27.96 -22.69 16.72
CA LEU C 53 26.66 -22.73 17.40
C LEU C 53 25.60 -22.22 16.46
N VAL C 54 24.54 -23.01 16.29
CA VAL C 54 23.35 -22.59 15.53
C VAL C 54 22.10 -22.56 16.44
N ILE C 55 21.37 -21.46 16.38
CA ILE C 55 20.22 -21.24 17.22
C ILE C 55 19.03 -21.10 16.30
N LEU C 56 18.06 -22.01 16.40
CA LEU C 56 16.85 -21.93 15.63
C LEU C 56 15.68 -21.61 16.58
N SER C 57 14.99 -20.51 16.28
CA SER C 57 13.96 -19.98 17.17
C SER C 57 12.90 -19.25 16.36
N ASP C 58 11.72 -19.84 16.24
CA ASP C 58 10.69 -19.28 15.38
C ASP C 58 11.19 -19.11 13.94
N TYR C 59 12.01 -20.08 13.52
CA TYR C 59 12.46 -20.19 12.12
C TYR C 59 11.79 -21.43 11.52
N PRO C 60 10.81 -21.22 10.61
CA PRO C 60 10.05 -22.32 10.08
C PRO C 60 10.90 -23.23 9.22
N ALA C 61 10.63 -24.52 9.29
CA ALA C 61 11.35 -25.53 8.49
C ALA C 61 11.37 -25.22 7.00
N GLU C 62 10.29 -24.64 6.48
CA GLU C 62 10.19 -24.33 5.06
C GLU C 62 11.25 -23.33 4.58
N ARG C 63 11.81 -22.54 5.48
N ARG C 63 11.83 -22.55 5.48
CA ARG C 63 12.89 -21.60 5.13
CA ARG C 63 12.85 -21.58 5.08
C ARG C 63 14.19 -22.27 4.72
C ARG C 63 14.24 -22.20 4.86
N MSE C 64 14.45 -23.46 5.27
CA MSE C 64 15.68 -24.18 4.95
C MSE C 64 15.47 -25.22 3.86
O MSE C 64 14.58 -26.05 3.96
CB MSE C 64 16.25 -24.91 6.15
CG MSE C 64 16.85 -24.02 7.20
SE MSE C 64 17.85 -25.02 8.57
CE MSE C 64 19.17 -25.77 7.48
N THR C 65 16.31 -25.18 2.83
CA THR C 65 16.24 -26.19 1.78
C THR C 65 16.61 -27.55 2.37
N ALA C 66 16.16 -28.63 1.75
CA ALA C 66 16.55 -29.98 2.18
C ALA C 66 18.08 -30.10 2.24
N GLN C 67 18.77 -29.57 1.23
N GLN C 67 18.73 -29.51 1.25
CA GLN C 67 20.24 -29.61 1.20
CA GLN C 67 20.18 -29.56 1.15
C GLN C 67 20.87 -28.82 2.36
C GLN C 67 20.86 -28.81 2.31
N ALA C 68 20.28 -27.68 2.72
CA ALA C 68 20.74 -26.91 3.90
C ALA C 68 20.53 -27.73 5.19
N ILE C 69 19.38 -28.37 5.31
CA ILE C 69 19.12 -29.19 6.51
C ILE C 69 20.17 -30.30 6.63
N ASP C 70 20.42 -30.98 5.50
CA ASP C 70 21.46 -32.02 5.42
C ASP C 70 22.82 -31.50 5.84
N GLN C 71 23.16 -30.30 5.36
CA GLN C 71 24.45 -29.70 5.70
C GLN C 71 24.52 -29.40 7.20
N LEU C 72 23.47 -28.82 7.77
CA LEU C 72 23.46 -28.58 9.23
C LEU C 72 23.65 -29.88 10.02
N VAL C 73 22.89 -30.92 9.65
CA VAL C 73 22.91 -32.19 10.38
C VAL C 73 24.34 -32.72 10.35
N THR C 74 24.99 -32.64 9.18
CA THR C 74 26.38 -33.06 9.05
C THR C 74 27.31 -32.25 9.98
N MSE C 75 27.12 -30.94 10.03
CA MSE C 75 28.01 -30.07 10.83
C MSE C 75 27.82 -30.33 12.33
O MSE C 75 28.79 -30.31 13.08
CB MSE C 75 27.80 -28.56 10.49
CG MSE C 75 28.12 -28.18 9.04
SE MSE C 75 29.91 -28.61 8.47
CE MSE C 75 29.74 -28.49 6.49
N VAL C 76 26.59 -30.60 12.75
CA VAL C 76 26.32 -30.87 14.18
C VAL C 76 26.99 -32.18 14.59
N LYS C 77 26.83 -33.23 13.80
CA LYS C 77 27.50 -34.48 14.11
C LYS C 77 29.02 -34.32 14.14
N ALA C 78 29.55 -33.36 13.38
CA ALA C 78 30.98 -33.12 13.38
C ALA C 78 31.42 -32.14 14.49
N GLY C 79 30.48 -31.57 15.26
CA GLY C 79 30.88 -30.86 16.50
C GLY C 79 30.19 -29.54 16.77
N CYS C 80 29.45 -29.02 15.79
CA CYS C 80 28.75 -27.73 15.91
C CYS C 80 27.55 -27.88 16.85
N GLY C 81 27.35 -26.90 17.74
CA GLY C 81 26.25 -26.94 18.69
C GLY C 81 24.97 -26.50 18.01
N LEU C 82 23.86 -27.07 18.46
CA LEU C 82 22.54 -26.74 17.93
C LEU C 82 21.58 -26.58 19.08
N VAL C 83 20.90 -25.44 19.12
CA VAL C 83 19.86 -25.22 20.08
C VAL C 83 18.62 -24.79 19.36
N MSE C 84 17.51 -25.42 19.74
CA MSE C 84 16.19 -24.98 19.29
C MSE C 84 15.46 -24.36 20.48
O MSE C 84 15.42 -24.94 21.58
CB MSE C 84 15.37 -26.12 18.67
CG MSE C 84 13.96 -25.69 18.19
SE MSE C 84 13.17 -26.87 16.85
CE MSE C 84 14.23 -26.26 15.31
N LEU C 85 14.92 -23.17 20.24
CA LEU C 85 14.08 -22.48 21.22
C LEU C 85 12.62 -22.48 20.77
N GLY C 86 11.72 -22.76 21.70
CA GLY C 86 10.34 -22.92 21.41
C GLY C 86 9.66 -21.64 20.96
N GLY C 87 8.52 -21.86 20.34
CA GLY C 87 7.76 -20.81 19.67
C GLY C 87 6.77 -21.41 18.71
N TRP C 88 5.91 -20.57 18.17
CA TRP C 88 4.83 -21.07 17.30
C TRP C 88 5.38 -21.59 15.96
N GLU C 89 6.60 -21.18 15.58
CA GLU C 89 7.25 -21.71 14.36
C GLU C 89 8.51 -22.50 14.68
N SER C 90 8.62 -23.00 15.91
CA SER C 90 9.62 -24.00 16.25
C SER C 90 8.93 -25.35 16.42
N TYR C 91 9.72 -26.41 16.55
CA TYR C 91 9.21 -27.78 16.71
C TYR C 91 8.12 -27.99 15.69
N HIS C 92 6.92 -28.46 16.07
CA HIS C 92 5.89 -28.58 15.05
C HIS C 92 5.16 -27.25 14.92
N GLY C 93 4.68 -26.75 16.07
CA GLY C 93 4.00 -25.49 16.16
C GLY C 93 2.86 -25.33 15.15
N LEU C 94 2.67 -24.10 14.68
CA LEU C 94 1.79 -23.80 13.57
C LEU C 94 2.64 -23.21 12.47
N GLY C 95 3.17 -24.10 11.63
CA GLY C 95 4.07 -23.68 10.55
C GLY C 95 5.55 -23.93 10.84
N GLY C 96 5.88 -24.54 11.99
CA GLY C 96 7.26 -24.89 12.31
C GLY C 96 7.66 -26.11 11.50
N ASN C 97 6.93 -27.21 11.72
CA ASN C 97 7.08 -28.45 10.93
C ASN C 97 8.44 -29.12 10.93
N TRP C 98 9.18 -28.97 12.03
CA TRP C 98 10.53 -29.54 12.10
C TRP C 98 10.53 -31.04 12.24
N ASP C 99 9.38 -31.61 12.61
CA ASP C 99 9.24 -33.08 12.64
C ASP C 99 9.38 -33.70 11.26
N GLN C 100 9.09 -32.91 10.22
CA GLN C 100 9.17 -33.34 8.81
C GLN C 100 10.60 -33.34 8.25
N THR C 101 11.58 -32.91 9.03
CA THR C 101 12.95 -32.74 8.51
C THR C 101 13.94 -33.76 9.10
N LEU C 102 15.08 -33.93 8.44
CA LEU C 102 16.17 -34.77 9.00
C LEU C 102 16.84 -34.18 10.24
N LEU C 103 16.61 -32.90 10.51
CA LEU C 103 17.10 -32.29 11.72
C LEU C 103 16.50 -32.98 12.96
N ALA C 104 15.29 -33.53 12.82
CA ALA C 104 14.64 -34.26 13.93
C ALA C 104 15.51 -35.38 14.51
N GLU C 105 16.36 -35.98 13.67
CA GLU C 105 17.25 -37.06 14.10
C GLU C 105 18.31 -36.60 15.14
N VAL C 106 18.79 -35.36 15.03
CA VAL C 106 19.86 -34.89 15.92
C VAL C 106 19.33 -34.19 17.18
N LEU C 107 18.13 -33.63 17.11
CA LEU C 107 17.56 -32.98 18.30
C LEU C 107 17.32 -34.03 19.40
N PRO C 108 17.44 -33.64 20.69
CA PRO C 108 17.32 -34.57 21.81
C PRO C 108 15.88 -34.82 22.26
N VAL C 109 14.91 -34.38 21.46
CA VAL C 109 13.50 -34.58 21.79
C VAL C 109 12.73 -35.13 20.58
N ASP C 110 11.65 -35.84 20.87
CA ASP C 110 10.72 -36.29 19.85
C ASP C 110 9.77 -35.12 19.66
N ILE C 111 9.52 -34.81 18.41
CA ILE C 111 8.65 -33.71 18.03
C ILE C 111 7.35 -34.29 17.49
N LYS C 112 6.23 -33.69 17.84
CA LYS C 112 4.93 -34.12 17.39
C LYS C 112 4.68 -33.85 15.92
N SER C 113 3.67 -34.51 15.38
CA SER C 113 3.29 -34.27 13.99
C SER C 113 1.95 -33.58 13.90
N ALA C 114 1.52 -32.97 15.00
CA ALA C 114 0.29 -32.17 15.07
C ALA C 114 0.58 -30.99 15.99
N ASP C 115 -0.27 -29.98 15.99
CA ASP C 115 -0.04 -28.76 16.80
C ASP C 115 0.41 -29.09 18.22
N ASP C 116 1.56 -28.57 18.59
CA ASP C 116 2.13 -28.85 19.91
C ASP C 116 2.15 -27.65 20.83
N ARG C 117 1.47 -26.57 20.44
CA ARG C 117 1.51 -25.33 21.21
C ARG C 117 0.66 -25.41 22.45
N ILE C 118 1.22 -25.03 23.59
CA ILE C 118 0.47 -24.93 24.82
C ILE C 118 0.65 -23.48 25.34
N ASN C 119 -0.45 -22.78 25.54
CA ASN C 119 -0.41 -21.41 26.04
C ASN C 119 -0.95 -21.39 27.46
N PHE C 120 -0.21 -20.81 28.40
CA PHE C 120 -0.66 -20.78 29.81
C PHE C 120 -1.36 -19.47 30.17
N ASP C 121 -2.63 -19.55 30.51
CA ASP C 121 -3.31 -18.37 30.99
C ASP C 121 -3.23 -18.22 32.49
N GLN C 122 -2.74 -19.26 33.14
CA GLN C 122 -2.54 -19.26 34.57
C GLN C 122 -1.07 -19.60 34.83
N PRO C 123 -0.60 -19.48 36.09
CA PRO C 123 0.85 -19.59 36.33
C PRO C 123 1.45 -20.95 36.07
N THR C 124 2.60 -20.93 35.42
CA THR C 124 3.39 -22.13 35.18
C THR C 124 4.81 -21.80 35.57
N LEU C 125 5.39 -22.69 36.36
CA LEU C 125 6.74 -22.46 36.90
C LEU C 125 7.77 -23.37 36.25
N ALA C 126 8.97 -22.84 35.98
CA ALA C 126 10.14 -23.66 35.64
C ALA C 126 10.75 -24.21 36.92
N ILE C 127 10.98 -25.51 36.93
CA ILE C 127 11.62 -26.23 38.03
C ILE C 127 12.62 -27.28 37.55
N PRO C 128 13.64 -27.55 38.36
CA PRO C 128 14.61 -28.58 37.99
C PRO C 128 13.92 -29.96 37.94
N ALA C 129 14.34 -30.77 36.95
CA ALA C 129 13.71 -32.07 36.70
C ALA C 129 13.98 -33.13 37.75
N ALA C 130 15.16 -33.08 38.37
CA ALA C 130 15.53 -33.98 39.43
C ALA C 130 16.45 -33.24 40.42
N ILE C 131 16.74 -33.87 41.55
CA ILE C 131 17.62 -33.25 42.56
C ILE C 131 18.99 -32.86 41.98
N ASN C 132 19.58 -33.72 41.16
CA ASN C 132 20.91 -33.43 40.62
C ASN C 132 20.96 -32.60 39.33
N SER C 133 19.81 -32.20 38.79
CA SER C 133 19.85 -31.36 37.58
C SER C 133 20.59 -30.04 37.83
N VAL C 134 20.46 -29.51 39.05
CA VAL C 134 21.05 -28.19 39.37
C VAL C 134 22.58 -28.23 39.44
N SER C 135 23.19 -29.42 39.35
CA SER C 135 24.63 -29.51 39.18
C SER C 135 25.05 -29.36 37.72
N HIS C 136 24.09 -29.35 36.80
CA HIS C 136 24.41 -29.15 35.40
C HIS C 136 24.91 -27.71 35.17
N PRO C 137 25.96 -27.55 34.34
CA PRO C 137 26.50 -26.21 34.08
C PRO C 137 25.43 -25.18 33.68
N ILE C 138 24.41 -25.61 32.93
CA ILE C 138 23.38 -24.68 32.48
C ILE C 138 22.59 -24.14 33.68
N LEU C 139 22.30 -24.98 34.67
CA LEU C 139 21.46 -24.60 35.79
C LEU C 139 22.21 -23.98 36.98
N GLN C 140 23.54 -24.05 36.98
CA GLN C 140 24.30 -23.63 38.13
C GLN C 140 24.19 -22.16 38.44
N ASN C 141 24.31 -21.86 39.73
CA ASN C 141 24.35 -20.48 40.23
C ASN C 141 23.10 -19.69 39.89
N LEU C 142 21.95 -20.38 39.93
CA LEU C 142 20.66 -19.76 39.65
C LEU C 142 19.67 -20.20 40.72
N PRO C 143 18.77 -19.30 41.14
CA PRO C 143 17.96 -19.57 42.32
C PRO C 143 16.65 -20.33 42.01
N TRP C 144 16.78 -21.54 41.46
CA TRP C 144 15.63 -22.36 41.13
C TRP C 144 14.70 -22.62 42.32
N GLU C 145 15.28 -22.76 43.51
CA GLU C 145 14.48 -23.07 44.70
C GLU C 145 13.89 -21.80 45.31
N ASP C 146 14.71 -20.79 45.47
CA ASP C 146 14.28 -19.56 46.13
C ASP C 146 13.35 -18.70 45.24
N ARG C 147 13.43 -18.85 43.92
CA ARG C 147 12.76 -17.95 42.98
C ARG C 147 12.44 -18.63 41.65
N PRO C 148 11.62 -19.69 41.68
CA PRO C 148 11.28 -20.36 40.43
C PRO C 148 10.55 -19.38 39.51
N PRO C 149 11.02 -19.22 38.26
CA PRO C 149 10.47 -18.21 37.37
C PRO C 149 9.29 -18.78 36.60
N THR C 150 8.45 -17.89 36.07
CA THR C 150 7.29 -18.29 35.34
C THR C 150 7.59 -18.27 33.85
N ILE C 151 6.85 -19.06 33.08
CA ILE C 151 6.84 -18.96 31.62
C ILE C 151 5.39 -18.93 31.10
N GLY C 152 5.21 -18.43 29.88
CA GLY C 152 3.87 -18.26 29.32
C GLY C 152 3.33 -19.31 28.37
N GLY C 153 4.20 -20.19 27.90
CA GLY C 153 3.78 -21.28 27.05
C GLY C 153 4.99 -22.09 26.61
N LEU C 154 4.71 -23.14 25.87
CA LEU C 154 5.74 -24.06 25.43
C LEU C 154 5.22 -24.97 24.35
N ASN C 155 6.14 -25.50 23.56
CA ASN C 155 5.82 -26.62 22.69
C ASN C 155 5.93 -27.92 23.48
N ARG C 156 4.94 -28.78 23.33
CA ARG C 156 4.96 -30.11 23.93
C ARG C 156 5.94 -31.03 23.19
N ILE C 157 7.06 -31.32 23.86
CA ILE C 157 8.12 -32.15 23.31
C ILE C 157 8.46 -33.23 24.36
N ALA C 158 9.07 -34.33 23.93
CA ALA C 158 9.40 -35.43 24.83
C ALA C 158 10.88 -35.76 24.70
N ALA C 159 11.57 -35.87 25.83
CA ALA C 159 12.99 -36.32 25.84
C ALA C 159 13.15 -37.69 25.23
N LYS C 160 14.13 -37.78 24.33
CA LYS C 160 14.63 -39.05 23.86
C LYS C 160 15.34 -39.81 25.02
N ALA C 161 15.39 -41.13 24.90
CA ALA C 161 16.07 -42.00 25.87
C ALA C 161 17.54 -41.59 26.13
N LYS C 162 18.29 -41.27 25.09
CA LYS C 162 19.70 -40.90 25.30
C LYS C 162 19.96 -39.45 25.79
N ALA C 163 18.90 -38.71 26.08
CA ALA C 163 18.99 -37.30 26.42
C ALA C 163 18.83 -37.11 27.93
N GLN C 164 19.12 -35.91 28.41
CA GLN C 164 18.92 -35.58 29.82
C GLN C 164 17.95 -34.44 29.94
N THR C 165 16.88 -34.64 30.73
CA THR C 165 15.95 -33.55 31.02
C THR C 165 16.45 -32.76 32.24
N LEU C 166 16.59 -31.44 32.08
CA LEU C 166 17.17 -30.57 33.11
C LEU C 166 16.07 -29.78 33.81
N LEU C 167 15.06 -29.34 33.05
CA LEU C 167 13.96 -28.51 33.60
C LEU C 167 12.62 -29.04 33.14
N MSE C 168 11.64 -28.90 34.01
CA MSE C 168 10.26 -29.16 33.70
C MSE C 168 9.52 -27.85 33.90
O MSE C 168 10.04 -26.89 34.52
CB MSE C 168 9.65 -30.21 34.65
CG MSE C 168 10.38 -31.53 34.71
SE MSE C 168 10.23 -32.58 33.07
CE MSE C 168 8.38 -33.05 33.23
N ALA C 169 8.27 -27.83 33.42
CA ALA C 169 7.34 -26.71 33.61
C ALA C 169 6.08 -27.26 34.27
N ARG C 170 5.79 -26.79 35.48
CA ARG C 170 4.65 -27.23 36.23
C ARG C 170 3.48 -26.23 36.08
N VAL C 171 2.38 -26.75 35.56
CA VAL C 171 1.12 -25.99 35.37
C VAL C 171 0.39 -25.88 36.71
N TRP C 172 0.02 -24.65 37.09
CA TRP C 172 -0.80 -24.41 38.28
C TRP C 172 -2.16 -23.88 37.85
N ARG C 173 -3.20 -24.25 38.58
CA ARG C 173 -4.57 -23.89 38.26
C ARG C 173 -5.21 -23.33 39.52
N PRO C 174 -4.74 -22.13 39.94
CA PRO C 174 -5.31 -21.51 41.10
C PRO C 174 -6.76 -21.16 40.92
N THR C 175 -7.52 -21.21 42.02
CA THR C 175 -8.87 -20.66 42.06
C THR C 175 -8.90 -19.61 43.16
N PHE C 176 -9.84 -18.67 43.05
CA PHE C 176 -9.99 -17.61 43.99
C PHE C 176 -11.40 -17.61 44.53
N SER C 177 -11.55 -17.51 45.85
CA SER C 177 -12.84 -17.35 46.49
C SER C 177 -13.03 -15.89 46.88
N LEU C 178 -14.01 -15.23 46.28
CA LEU C 178 -14.35 -13.88 46.68
C LEU C 178 -14.82 -13.86 48.13
N GLU C 179 -15.64 -14.86 48.46
CA GLU C 179 -16.19 -15.00 49.83
C GLU C 179 -15.13 -15.15 50.94
N HIS C 180 -14.12 -15.99 50.70
CA HIS C 180 -13.09 -16.28 51.66
C HIS C 180 -11.89 -15.32 51.54
N GLY C 181 -11.84 -14.52 50.47
CA GLY C 181 -10.68 -13.69 50.13
C GLY C 181 -9.43 -14.54 50.08
N LYS C 182 -9.52 -15.66 49.38
CA LYS C 182 -8.50 -16.71 49.48
C LYS C 182 -8.25 -17.37 48.14
N THR C 183 -6.97 -17.49 47.79
CA THR C 183 -6.54 -18.24 46.63
C THR C 183 -6.13 -19.66 47.06
N THR C 184 -6.64 -20.66 46.36
CA THR C 184 -6.27 -22.07 46.54
C THR C 184 -5.41 -22.53 45.36
N TRP C 185 -4.18 -22.96 45.67
CA TRP C 185 -3.24 -23.41 44.69
C TRP C 185 -3.29 -24.92 44.48
N GLU C 186 -3.79 -25.34 43.32
CA GLU C 186 -3.78 -26.73 42.89
C GLU C 186 -2.95 -26.83 41.61
N HIS C 187 -2.22 -27.92 41.42
CA HIS C 187 -1.45 -28.07 40.22
C HIS C 187 -2.05 -29.03 39.22
N ALA C 188 -1.51 -28.97 38.01
CA ALA C 188 -1.93 -29.89 36.97
C ALA C 188 -0.67 -30.56 36.44
N ASP C 189 -0.58 -30.73 35.12
CA ASP C 189 0.52 -31.48 34.52
C ASP C 189 1.85 -30.78 34.61
N HIS C 190 2.91 -31.55 34.39
CA HIS C 190 4.20 -30.95 34.10
C HIS C 190 4.67 -31.39 32.73
N HIS C 191 5.52 -30.57 32.12
CA HIS C 191 5.98 -30.74 30.74
C HIS C 191 7.50 -30.55 30.69
N PRO C 192 8.15 -31.24 29.76
CA PRO C 192 9.59 -31.02 29.61
C PRO C 192 9.86 -29.62 29.15
N LEU C 193 10.84 -28.96 29.78
CA LEU C 193 11.14 -27.55 29.48
C LEU C 193 12.52 -27.39 28.84
N LEU C 194 13.51 -28.13 29.34
CA LEU C 194 14.89 -28.08 28.80
C LEU C 194 15.47 -29.47 28.80
N VAL C 195 15.83 -29.94 27.61
CA VAL C 195 16.36 -31.26 27.39
C VAL C 195 17.66 -31.08 26.61
N VAL C 196 18.72 -31.73 27.05
CA VAL C 196 20.01 -31.64 26.37
C VAL C 196 20.51 -33.01 25.92
N GLY C 197 21.42 -33.00 24.97
CA GLY C 197 22.02 -34.23 24.52
C GLY C 197 23.18 -33.99 23.60
N GLU C 198 23.53 -35.05 22.87
CA GLU C 198 24.65 -35.04 21.93
C GLU C 198 24.19 -35.67 20.62
N ALA C 199 24.83 -35.29 19.54
CA ALA C 199 24.59 -35.90 18.23
C ALA C 199 25.95 -35.93 17.60
N GLY C 200 26.51 -37.12 17.40
CA GLY C 200 27.90 -37.22 17.03
C GLY C 200 28.74 -36.60 18.13
N THR C 201 29.60 -35.65 17.76
CA THR C 201 30.41 -34.93 18.74
C THR C 201 29.83 -33.55 19.06
N GLY C 202 28.70 -33.18 18.46
CA GLY C 202 28.08 -31.89 18.75
C GLY C 202 27.12 -32.01 19.94
N ARG C 203 26.96 -30.93 20.68
CA ARG C 203 25.94 -30.86 21.73
C ARG C 203 24.67 -30.28 21.16
N VAL C 204 23.54 -30.73 21.70
CA VAL C 204 22.25 -30.24 21.25
C VAL C 204 21.37 -29.90 22.44
N ALA C 205 20.55 -28.86 22.29
CA ALA C 205 19.61 -28.46 23.32
C ALA C 205 18.25 -28.13 22.71
N ALA C 206 17.19 -28.51 23.43
CA ALA C 206 15.81 -28.21 23.09
C ALA C 206 15.23 -27.50 24.30
N PHE C 207 14.96 -26.20 24.17
CA PHE C 207 14.23 -25.47 25.20
C PHE C 207 12.81 -25.35 24.67
N ALA C 208 11.82 -25.77 25.48
CA ALA C 208 10.43 -25.85 24.99
C ALA C 208 9.69 -24.52 24.95
N SER C 209 10.11 -23.56 25.77
CA SER C 209 9.54 -22.23 25.79
C SER C 209 10.35 -21.32 24.88
N ASP C 210 9.96 -20.04 24.87
CA ASP C 210 10.52 -19.03 24.00
C ASP C 210 11.56 -18.21 24.80
N VAL C 211 12.49 -17.62 24.06
CA VAL C 211 13.45 -16.66 24.62
C VAL C 211 12.84 -15.25 24.60
N ALA C 212 11.75 -15.08 23.85
CA ALA C 212 11.18 -13.77 23.58
C ALA C 212 9.67 -13.84 23.73
N PRO C 213 8.99 -12.69 23.72
CA PRO C 213 7.54 -12.80 23.88
C PRO C 213 6.84 -13.52 22.70
N HIS C 214 5.63 -14.07 22.90
CA HIS C 214 4.90 -13.93 24.16
C HIS C 214 5.10 -15.02 25.19
N TRP C 215 5.66 -16.14 24.79
CA TRP C 215 5.83 -17.25 25.72
C TRP C 215 6.91 -17.11 26.78
N VAL C 216 7.94 -16.29 26.58
CA VAL C 216 9.01 -16.21 27.57
C VAL C 216 8.44 -15.87 28.98
N GLY C 217 7.41 -15.03 29.00
CA GLY C 217 6.69 -14.71 30.22
C GLY C 217 7.59 -14.02 31.22
N GLY C 218 7.41 -14.35 32.48
CA GLY C 218 8.18 -13.68 33.55
C GLY C 218 9.64 -13.99 33.52
N LEU C 219 10.01 -15.11 32.89
CA LEU C 219 11.43 -15.47 32.73
C LEU C 219 12.26 -14.32 32.15
N VAL C 220 11.67 -13.51 31.27
CA VAL C 220 12.41 -12.41 30.67
C VAL C 220 12.87 -11.38 31.71
N ASP C 221 12.14 -11.29 32.83
CA ASP C 221 12.44 -10.34 33.90
C ASP C 221 13.04 -11.03 35.12
N TRP C 222 13.44 -12.31 34.98
CA TRP C 222 13.95 -13.06 36.13
C TRP C 222 15.12 -12.37 36.81
N GLY C 223 14.94 -12.09 38.10
CA GLY C 223 15.97 -11.56 38.94
C GLY C 223 15.57 -10.26 39.60
N ASP C 224 16.38 -9.81 40.55
CA ASP C 224 16.13 -8.50 41.18
C ASP C 224 16.77 -7.34 40.45
N GLU C 225 17.52 -7.61 39.38
CA GLU C 225 18.30 -6.55 38.73
C GLU C 225 17.97 -6.53 37.25
N ARG C 226 18.45 -5.51 36.56
CA ARG C 226 18.16 -5.28 35.16
C ARG C 226 19.44 -5.22 34.37
N VAL C 227 19.37 -5.77 33.16
CA VAL C 227 20.45 -5.76 32.19
C VAL C 227 19.94 -5.01 30.98
N THR C 228 20.72 -4.04 30.50
CA THR C 228 20.29 -3.25 29.35
C THR C 228 21.29 -3.44 28.20
N SER C 229 20.77 -3.51 26.97
CA SER C 229 21.60 -3.70 25.79
C SER C 229 20.82 -3.33 24.53
N GLN C 230 21.54 -3.21 23.41
CA GLN C 230 20.94 -3.01 22.11
C GLN C 230 21.88 -3.55 21.05
N ALA C 231 21.44 -4.59 20.35
CA ALA C 231 22.17 -5.14 19.23
C ALA C 231 22.09 -4.15 18.06
N PRO C 232 23.17 -4.04 17.28
CA PRO C 232 23.13 -3.29 16.04
C PRO C 232 21.91 -3.67 15.19
N GLY C 233 21.09 -2.68 14.82
CA GLY C 233 19.87 -2.90 14.05
C GLY C 233 18.63 -3.33 14.82
N ALA C 234 18.76 -3.49 16.13
CA ALA C 234 17.66 -3.95 16.97
C ALA C 234 17.18 -2.84 17.85
N GLY C 235 16.04 -3.07 18.50
CA GLY C 235 15.57 -2.16 19.54
C GLY C 235 16.36 -2.46 20.81
N ALA C 236 16.47 -1.45 21.67
CA ALA C 236 17.13 -1.59 22.97
C ALA C 236 16.28 -2.49 23.83
N ILE C 237 16.91 -3.26 24.70
CA ILE C 237 16.18 -4.13 25.62
C ILE C 237 16.61 -3.82 27.06
N GLU C 238 15.71 -4.14 27.99
CA GLU C 238 15.97 -4.08 29.42
C GLU C 238 15.28 -5.32 29.96
N VAL C 239 16.08 -6.23 30.53
CA VAL C 239 15.64 -7.56 30.90
C VAL C 239 16.25 -7.95 32.23
N GLY C 240 15.89 -9.11 32.72
CA GLY C 240 16.35 -9.60 34.01
C GLY C 240 17.81 -10.08 33.97
N ASN C 241 18.53 -9.88 35.08
CA ASN C 241 19.89 -10.41 35.23
C ASN C 241 19.95 -11.95 35.15
N LEU C 242 18.97 -12.63 35.75
CA LEU C 242 18.99 -14.09 35.76
C LEU C 242 18.57 -14.66 34.42
N TYR C 243 17.72 -13.94 33.70
CA TYR C 243 17.36 -14.27 32.33
C TYR C 243 18.60 -14.30 31.46
N SER C 244 19.35 -13.21 31.46
CA SER C 244 20.59 -13.11 30.70
C SER C 244 21.54 -14.25 31.09
N GLN C 245 21.74 -14.42 32.38
CA GLN C 245 22.63 -15.47 32.89
C GLN C 245 22.22 -16.87 32.47
N PHE C 246 20.93 -17.18 32.59
CA PHE C 246 20.45 -18.52 32.21
C PHE C 246 20.68 -18.86 30.74
N PHE C 247 20.28 -17.95 29.86
CA PHE C 247 20.48 -18.14 28.44
C PHE C 247 21.93 -18.15 28.06
N ARG C 248 22.77 -17.34 28.73
CA ARG C 248 24.21 -17.40 28.52
C ARG C 248 24.76 -18.79 28.83
N GLN C 249 24.36 -19.34 29.98
CA GLN C 249 24.88 -20.62 30.42
C GLN C 249 24.45 -21.76 29.48
N MSE C 250 23.19 -21.70 29.03
CA MSE C 250 22.66 -22.66 28.05
C MSE C 250 23.46 -22.64 26.75
O MSE C 250 23.93 -23.68 26.27
CB MSE C 250 21.18 -22.36 27.75
CG MSE C 250 20.49 -23.35 26.82
SE MSE C 250 18.79 -22.70 26.10
CE MSE C 250 17.91 -22.36 27.83
N LEU C 251 23.59 -21.45 26.15
CA LEU C 251 24.32 -21.30 24.88
C LEU C 251 25.81 -21.60 25.02
N GLU C 252 26.41 -21.22 26.14
CA GLU C 252 27.81 -21.57 26.39
C GLU C 252 28.02 -23.08 26.46
N TRP C 253 27.12 -23.78 27.13
CA TRP C 253 27.24 -25.27 27.16
C TRP C 253 27.13 -25.88 25.75
N VAL C 254 26.12 -25.47 24.99
CA VAL C 254 25.87 -26.06 23.68
C VAL C 254 27.04 -25.75 22.73
N ALA C 255 27.62 -24.55 22.82
CA ALA C 255 28.72 -24.16 21.93
C ALA C 255 30.05 -24.73 22.42
N LYS C 256 30.07 -25.29 23.64
CA LYS C 256 31.29 -25.69 24.35
C LYS C 256 32.24 -24.49 24.52
N SER C 257 31.74 -23.35 25.00
CA SER C 257 32.60 -22.15 25.15
C SER C 257 33.68 -22.40 26.21
N ARG D 6 -18.65 37.26 -30.70
CA ARG D 6 -19.90 36.44 -30.67
C ARG D 6 -19.73 35.04 -31.29
N VAL D 7 -19.37 34.08 -30.44
CA VAL D 7 -19.04 32.73 -30.85
C VAL D 7 -19.92 31.72 -30.10
N LEU D 8 -20.36 30.69 -30.81
CA LEU D 8 -21.10 29.57 -30.24
C LEU D 8 -20.30 28.31 -30.50
N TYR D 9 -19.92 27.64 -29.43
CA TYR D 9 -19.15 26.41 -29.49
C TYR D 9 -20.02 25.29 -28.93
N CYS D 10 -20.24 24.26 -29.74
CA CYS D 10 -21.06 23.12 -29.37
C CYS D 10 -20.24 21.82 -29.42
N GLY D 11 -20.29 21.06 -28.32
CA GLY D 11 -19.79 19.72 -28.26
C GLY D 11 -18.59 19.48 -27.39
N ASP D 12 -17.79 18.50 -27.81
CA ASP D 12 -16.64 18.01 -27.03
C ASP D 12 -17.01 17.64 -25.60
N THR D 13 -18.20 17.04 -25.49
CA THR D 13 -18.76 16.44 -24.26
C THR D 13 -19.16 17.52 -23.25
N SER D 14 -18.19 18.12 -22.57
CA SER D 14 -18.50 19.08 -21.53
C SER D 14 -17.29 19.91 -21.21
N LEU D 15 -17.50 21.04 -20.56
CA LEU D 15 -16.39 21.89 -20.14
C LEU D 15 -15.37 21.22 -19.24
N GLU D 16 -15.86 20.39 -18.31
CA GLU D 16 -15.02 19.65 -17.39
C GLU D 16 -14.21 18.56 -18.06
N THR D 17 -14.57 18.24 -19.29
CA THR D 17 -13.84 17.25 -20.06
C THR D 17 -13.25 17.92 -21.30
N ALA D 18 -13.41 17.31 -22.47
CA ALA D 18 -12.68 17.71 -23.68
C ALA D 18 -12.89 19.17 -24.13
N ALA D 19 -14.08 19.73 -23.93
CA ALA D 19 -14.36 21.13 -24.36
C ALA D 19 -13.49 22.15 -23.63
N GLY D 20 -13.00 21.77 -22.45
CA GLY D 20 -12.04 22.58 -21.68
C GLY D 20 -10.84 23.05 -22.51
N TYR D 21 -10.46 22.29 -23.56
CA TYR D 21 -9.30 22.68 -24.39
C TYR D 21 -9.58 23.95 -25.22
N LEU D 22 -10.52 23.87 -26.15
CA LEU D 22 -10.84 25.05 -26.95
C LEU D 22 -11.46 26.19 -26.12
N ALA D 23 -12.29 25.86 -25.11
CA ALA D 23 -12.83 26.92 -24.20
C ALA D 23 -11.70 27.63 -23.48
N GLY D 24 -10.71 26.87 -22.98
CA GLY D 24 -9.49 27.44 -22.41
C GLY D 24 -8.66 28.29 -23.37
N LEU D 25 -8.52 27.82 -24.62
CA LEU D 25 -7.83 28.62 -25.65
C LEU D 25 -8.55 29.97 -25.84
N MSE D 26 -9.87 29.90 -26.01
CA MSE D 26 -10.67 31.10 -26.28
C MSE D 26 -10.61 32.03 -25.07
O MSE D 26 -10.44 33.21 -25.24
CB MSE D 26 -12.09 30.73 -26.69
CG MSE D 26 -12.17 30.13 -28.04
SE MSE D 26 -13.99 29.91 -28.70
CE MSE D 26 -14.69 28.65 -27.46
N THR D 27 -10.65 31.50 -23.87
CA THR D 27 -10.44 32.33 -22.68
C THR D 27 -9.07 33.02 -22.68
N SER D 28 -8.00 32.31 -23.11
CA SER D 28 -6.64 32.92 -23.13
C SER D 28 -6.53 33.98 -24.22
N TRP D 29 -7.38 33.88 -25.24
CA TRP D 29 -7.42 34.87 -26.30
C TRP D 29 -8.31 36.06 -25.95
N GLN D 30 -9.01 35.94 -24.81
CA GLN D 30 -9.97 36.94 -24.34
C GLN D 30 -11.22 37.01 -25.22
N TRP D 31 -11.58 35.89 -25.83
CA TRP D 31 -12.79 35.83 -26.65
C TRP D 31 -13.99 35.58 -25.77
N GLU D 32 -15.15 36.06 -26.19
CA GLU D 32 -16.40 35.75 -25.53
C GLU D 32 -17.11 34.66 -26.31
N PHE D 33 -17.69 33.70 -25.62
CA PHE D 33 -18.40 32.60 -26.28
C PHE D 33 -19.52 32.05 -25.45
N ASP D 34 -20.49 31.46 -26.15
CA ASP D 34 -21.49 30.60 -25.54
C ASP D 34 -21.08 29.16 -25.83
N TYR D 35 -21.46 28.25 -24.94
CA TYR D 35 -21.06 26.84 -24.99
C TYR D 35 -22.28 25.95 -24.80
N ILE D 36 -22.37 24.89 -25.60
CA ILE D 36 -23.43 23.93 -25.48
C ILE D 36 -22.75 22.56 -25.38
N PRO D 37 -23.04 21.83 -24.31
CA PRO D 37 -22.43 20.49 -24.22
C PRO D 37 -23.05 19.46 -25.20
N SER D 38 -22.39 18.32 -25.41
CA SER D 38 -22.82 17.36 -26.42
C SER D 38 -24.19 16.75 -26.19
N HIS D 39 -24.67 16.72 -24.94
CA HIS D 39 -25.95 16.15 -24.61
C HIS D 39 -27.11 17.16 -24.53
N VAL D 40 -26.83 18.41 -24.85
CA VAL D 40 -27.85 19.47 -24.87
C VAL D 40 -28.15 19.86 -26.31
N GLY D 41 -29.43 20.01 -26.64
CA GLY D 41 -29.84 20.29 -28.00
C GLY D 41 -29.76 21.76 -28.37
N LEU D 42 -29.93 22.04 -29.66
CA LEU D 42 -29.92 23.41 -30.16
C LEU D 42 -31.12 23.61 -31.08
N ASP D 43 -31.98 24.57 -30.73
CA ASP D 43 -33.19 24.85 -31.47
C ASP D 43 -33.08 26.25 -32.09
N VAL D 44 -34.01 26.55 -32.99
CA VAL D 44 -34.13 27.85 -33.65
C VAL D 44 -34.32 28.92 -32.58
N GLY D 45 -33.71 30.07 -32.77
CA GLY D 45 -33.98 31.21 -31.90
C GLY D 45 -32.82 32.15 -31.69
N GLU D 46 -32.87 32.87 -30.57
CA GLU D 46 -32.01 34.02 -30.30
C GLU D 46 -30.58 33.69 -30.02
N LEU D 47 -30.37 32.58 -29.33
CA LEU D 47 -29.02 32.15 -29.02
C LEU D 47 -28.25 31.88 -30.32
N LEU D 48 -28.90 31.20 -31.27
CA LEU D 48 -28.28 30.93 -32.57
C LEU D 48 -28.17 32.22 -33.40
N ALA D 49 -29.22 33.04 -33.39
CA ALA D 49 -29.32 34.26 -34.19
C ALA D 49 -28.17 35.22 -34.03
N LYS D 50 -27.65 35.36 -32.82
CA LYS D 50 -26.69 36.42 -32.51
C LYS D 50 -25.20 36.05 -32.64
N GLN D 51 -24.89 34.99 -33.38
CA GLN D 51 -23.49 34.55 -33.51
C GLN D 51 -22.86 35.01 -34.81
N ASP D 52 -21.54 35.21 -34.79
CA ASP D 52 -20.68 35.47 -35.97
C ASP D 52 -19.76 34.29 -36.32
N LEU D 53 -19.66 33.33 -35.40
CA LEU D 53 -18.86 32.13 -35.58
C LEU D 53 -19.54 31.00 -34.85
N VAL D 54 -19.79 29.89 -35.56
CA VAL D 54 -20.31 28.69 -34.92
C VAL D 54 -19.30 27.57 -35.14
N ILE D 55 -18.95 26.90 -34.04
CA ILE D 55 -17.98 25.79 -34.01
C ILE D 55 -18.72 24.53 -33.58
N LEU D 56 -18.69 23.50 -34.44
CA LEU D 56 -19.34 22.21 -34.14
C LEU D 56 -18.23 21.16 -34.07
N SER D 57 -18.13 20.50 -32.92
CA SER D 57 -17.03 19.59 -32.66
C SER D 57 -17.55 18.48 -31.74
N ASP D 58 -17.69 17.26 -32.27
CA ASP D 58 -18.21 16.14 -31.46
C ASP D 58 -19.62 16.48 -30.92
N TYR D 59 -20.37 17.20 -31.76
CA TYR D 59 -21.75 17.54 -31.54
C TYR D 59 -22.58 16.77 -32.61
N PRO D 60 -23.31 15.74 -32.18
CA PRO D 60 -24.10 14.94 -33.11
C PRO D 60 -25.18 15.75 -33.78
N ALA D 61 -25.44 15.41 -35.04
CA ALA D 61 -26.43 16.09 -35.87
C ALA D 61 -27.83 16.13 -35.22
N GLU D 62 -28.18 15.04 -34.51
CA GLU D 62 -29.49 14.91 -33.92
C GLU D 62 -29.74 15.90 -32.78
N ARG D 63 -28.68 16.56 -32.28
CA ARG D 63 -28.82 17.60 -31.27
C ARG D 63 -29.44 18.88 -31.85
N MSE D 64 -29.30 19.10 -33.16
CA MSE D 64 -29.95 20.27 -33.79
C MSE D 64 -31.31 19.92 -34.41
O MSE D 64 -31.42 18.97 -35.18
CB MSE D 64 -29.03 20.90 -34.87
CG MSE D 64 -27.75 21.51 -34.28
SE MSE D 64 -26.74 22.56 -35.59
CE MSE D 64 -27.88 24.13 -35.69
N THR D 65 -32.34 20.70 -34.10
CA THR D 65 -33.62 20.57 -34.80
C THR D 65 -33.45 20.97 -36.27
N ALA D 66 -34.33 20.45 -37.12
CA ALA D 66 -34.24 20.76 -38.55
C ALA D 66 -34.31 22.27 -38.82
N GLN D 67 -35.11 22.98 -38.04
CA GLN D 67 -35.25 24.44 -38.20
C GLN D 67 -34.03 25.21 -37.72
N ALA D 68 -33.34 24.68 -36.71
CA ALA D 68 -32.04 25.23 -36.27
C ALA D 68 -31.02 25.10 -37.37
N ILE D 69 -31.00 23.94 -38.04
CA ILE D 69 -30.06 23.73 -39.13
C ILE D 69 -30.35 24.73 -40.26
N ASP D 70 -31.62 24.88 -40.64
CA ASP D 70 -31.98 25.84 -41.71
C ASP D 70 -31.62 27.28 -41.29
N GLN D 71 -31.84 27.65 -40.02
CA GLN D 71 -31.41 28.98 -39.55
C GLN D 71 -29.87 29.13 -39.76
N LEU D 72 -29.12 28.13 -39.31
CA LEU D 72 -27.66 28.19 -39.40
C LEU D 72 -27.19 28.31 -40.84
N VAL D 73 -27.78 27.49 -41.70
CA VAL D 73 -27.44 27.50 -43.13
C VAL D 73 -27.66 28.91 -43.71
N THR D 74 -28.81 29.49 -43.43
CA THR D 74 -29.15 30.84 -43.89
C THR D 74 -28.15 31.88 -43.34
N MSE D 75 -27.78 31.73 -42.08
CA MSE D 75 -26.89 32.66 -41.39
C MSE D 75 -25.50 32.62 -42.00
O MSE D 75 -24.89 33.66 -42.20
CB MSE D 75 -26.79 32.37 -39.89
CG MSE D 75 -27.95 32.91 -39.02
SE MSE D 75 -27.66 32.18 -37.19
CE MSE D 75 -25.94 33.12 -36.85
N VAL D 76 -25.01 31.42 -42.31
CA VAL D 76 -23.72 31.27 -42.94
C VAL D 76 -23.71 31.92 -44.34
N LYS D 77 -24.77 31.70 -45.13
CA LYS D 77 -24.89 32.40 -46.42
C LYS D 77 -24.90 33.94 -46.28
N ALA D 78 -25.42 34.46 -45.16
CA ALA D 78 -25.44 35.89 -44.86
C ALA D 78 -24.16 36.43 -44.19
N GLY D 79 -23.17 35.57 -43.94
CA GLY D 79 -21.87 36.03 -43.49
C GLY D 79 -21.29 35.35 -42.25
N CYS D 80 -22.09 34.56 -41.54
CA CYS D 80 -21.64 33.88 -40.33
C CYS D 80 -20.61 32.79 -40.68
N GLY D 81 -19.54 32.73 -39.90
CA GLY D 81 -18.53 31.70 -40.06
C GLY D 81 -19.00 30.40 -39.47
N LEU D 82 -18.59 29.31 -40.10
CA LEU D 82 -18.87 27.98 -39.60
C LEU D 82 -17.60 27.11 -39.68
N VAL D 83 -17.29 26.46 -38.57
CA VAL D 83 -16.22 25.49 -38.57
C VAL D 83 -16.66 24.19 -37.93
N MSE D 84 -16.30 23.10 -38.59
CA MSE D 84 -16.46 21.80 -38.01
C MSE D 84 -15.09 21.20 -37.68
O MSE D 84 -14.15 21.26 -38.51
CB MSE D 84 -17.24 20.87 -38.95
CG MSE D 84 -17.47 19.46 -38.38
SE MSE D 84 -18.98 18.46 -39.19
CE MSE D 84 -20.43 19.44 -38.31
N LEU D 85 -14.99 20.65 -36.49
CA LEU D 85 -13.77 19.97 -36.03
C LEU D 85 -14.09 18.49 -35.89
N GLY D 86 -13.19 17.64 -36.41
CA GLY D 86 -13.39 16.22 -36.44
C GLY D 86 -13.43 15.57 -35.05
N GLY D 87 -13.93 14.36 -35.05
CA GLY D 87 -14.11 13.53 -33.86
C GLY D 87 -15.12 12.45 -34.16
N TRP D 88 -15.36 11.59 -33.17
CA TRP D 88 -16.22 10.44 -33.41
C TRP D 88 -17.68 10.81 -33.62
N GLU D 89 -18.11 11.99 -33.13
N GLU D 89 -18.07 11.99 -33.14
CA GLU D 89 -19.47 12.44 -33.41
CA GLU D 89 -19.42 12.49 -33.33
C GLU D 89 -19.48 13.73 -34.26
C GLU D 89 -19.48 13.70 -34.27
N SER D 90 -18.41 13.93 -35.06
CA SER D 90 -18.42 14.90 -36.15
C SER D 90 -18.54 14.21 -37.51
N TYR D 91 -18.79 15.00 -38.55
CA TYR D 91 -18.93 14.49 -39.91
C TYR D 91 -19.89 13.29 -39.86
N HIS D 92 -19.50 12.12 -40.39
CA HIS D 92 -20.40 10.97 -40.26
C HIS D 92 -20.12 10.28 -38.92
N GLY D 93 -18.87 9.92 -38.71
CA GLY D 93 -18.48 9.32 -37.48
C GLY D 93 -19.24 8.08 -37.08
N LEU D 94 -19.39 7.94 -35.77
CA LEU D 94 -20.26 6.92 -35.17
C LEU D 94 -21.26 7.71 -34.34
N GLY D 95 -22.37 8.09 -34.97
CA GLY D 95 -23.37 8.99 -34.38
C GLY D 95 -23.28 10.45 -34.76
N GLY D 96 -22.36 10.84 -35.68
CA GLY D 96 -22.24 12.25 -36.10
C GLY D 96 -23.40 12.52 -37.07
N ASN D 97 -23.39 11.79 -38.18
CA ASN D 97 -24.46 11.75 -39.17
C ASN D 97 -24.77 13.10 -39.83
N TRP D 98 -23.75 13.98 -39.94
CA TRP D 98 -23.93 15.32 -40.51
C TRP D 98 -24.13 15.25 -42.02
N ASP D 99 -23.77 14.13 -42.66
CA ASP D 99 -24.07 13.93 -44.07
C ASP D 99 -25.57 13.93 -44.35
N GLN D 100 -26.38 13.60 -43.37
CA GLN D 100 -27.84 13.53 -43.55
C GLN D 100 -28.53 14.88 -43.35
N THR D 101 -27.78 15.96 -43.15
CA THR D 101 -28.37 17.27 -42.86
C THR D 101 -28.18 18.28 -44.00
N LEU D 102 -28.98 19.34 -43.96
CA LEU D 102 -28.84 20.43 -44.91
C LEU D 102 -27.54 21.23 -44.71
N LEU D 103 -26.94 21.13 -43.53
CA LEU D 103 -25.67 21.78 -43.27
C LEU D 103 -24.57 21.19 -44.18
N ALA D 104 -24.71 19.94 -44.63
CA ALA D 104 -23.76 19.35 -45.58
C ALA D 104 -23.57 20.24 -46.81
N GLU D 105 -24.61 20.95 -47.23
CA GLU D 105 -24.54 21.80 -48.46
C GLU D 105 -23.56 22.98 -48.31
N VAL D 106 -23.39 23.48 -47.09
CA VAL D 106 -22.52 24.68 -46.89
C VAL D 106 -21.10 24.34 -46.47
N LEU D 107 -20.87 23.12 -45.99
CA LEU D 107 -19.54 22.70 -45.59
C LEU D 107 -18.70 22.48 -46.83
N PRO D 108 -17.38 22.76 -46.77
CA PRO D 108 -16.58 22.65 -47.97
C PRO D 108 -16.06 21.26 -48.29
N VAL D 109 -16.62 20.25 -47.65
CA VAL D 109 -16.21 18.85 -47.87
C VAL D 109 -17.40 17.96 -48.13
N ASP D 110 -17.20 16.88 -48.86
CA ASP D 110 -18.20 15.81 -48.96
C ASP D 110 -18.01 14.88 -47.78
N ILE D 111 -19.14 14.48 -47.20
CA ILE D 111 -19.14 13.66 -46.01
C ILE D 111 -19.64 12.28 -46.39
N LYS D 112 -19.03 11.25 -45.84
CA LYS D 112 -19.36 9.88 -46.14
C LYS D 112 -20.71 9.50 -45.52
N SER D 113 -21.30 8.42 -46.01
CA SER D 113 -22.52 7.85 -45.42
C SER D 113 -22.22 6.51 -44.69
N ALA D 114 -20.94 6.24 -44.47
CA ALA D 114 -20.50 5.08 -43.71
C ALA D 114 -19.40 5.57 -42.82
N ASP D 115 -19.09 4.79 -41.79
CA ASP D 115 -18.09 5.16 -40.78
C ASP D 115 -16.86 5.75 -41.48
N ASP D 116 -16.46 6.94 -41.02
CA ASP D 116 -15.34 7.64 -41.62
C ASP D 116 -14.19 7.86 -40.62
N ARG D 117 -14.23 7.13 -39.51
CA ARG D 117 -13.24 7.36 -38.50
C ARG D 117 -11.97 6.60 -38.86
N ILE D 118 -10.86 7.31 -38.81
CA ILE D 118 -9.54 6.69 -38.99
C ILE D 118 -8.70 7.00 -37.74
N ASN D 119 -8.24 5.95 -37.07
CA ASN D 119 -7.43 6.06 -35.89
C ASN D 119 -5.98 5.66 -36.21
N PHE D 120 -5.01 6.49 -35.90
CA PHE D 120 -3.62 6.19 -36.31
C PHE D 120 -2.83 5.61 -35.14
N ASP D 121 -2.42 4.35 -35.25
CA ASP D 121 -1.52 3.75 -34.24
C ASP D 121 -0.02 3.99 -34.56
N GLN D 122 0.25 4.49 -35.77
CA GLN D 122 1.59 4.89 -36.16
C GLN D 122 1.65 6.38 -36.61
N PRO D 123 2.86 6.96 -36.65
CA PRO D 123 3.00 8.41 -36.84
C PRO D 123 2.32 8.96 -38.10
N THR D 124 1.55 10.02 -37.92
CA THR D 124 0.88 10.73 -39.00
C THR D 124 1.15 12.22 -38.79
N LEU D 125 1.66 12.87 -39.82
CA LEU D 125 2.08 14.27 -39.76
C LEU D 125 1.12 15.18 -40.51
N ALA D 126 0.86 16.36 -39.93
CA ALA D 126 0.16 17.44 -40.64
C ALA D 126 1.19 18.17 -41.55
N ILE D 127 0.85 18.33 -42.84
CA ILE D 127 1.78 18.86 -43.83
C ILE D 127 0.94 19.82 -44.71
N PRO D 128 1.50 20.96 -45.15
CA PRO D 128 0.77 21.83 -46.09
C PRO D 128 0.46 21.10 -47.40
N ALA D 129 -0.73 21.36 -47.96
CA ALA D 129 -1.19 20.65 -49.18
C ALA D 129 -0.37 21.03 -50.41
N ALA D 130 0.03 22.30 -50.48
CA ALA D 130 0.76 22.81 -51.64
C ALA D 130 1.72 23.85 -51.17
N ILE D 131 2.72 24.14 -52.01
CA ILE D 131 3.79 25.02 -51.62
C ILE D 131 3.24 26.42 -51.21
N ASN D 132 2.18 26.91 -51.85
CA ASN D 132 1.59 28.20 -51.43
C ASN D 132 0.46 28.13 -50.39
N SER D 133 0.19 26.94 -49.86
CA SER D 133 -0.78 26.81 -48.78
C SER D 133 -0.30 27.64 -47.59
N VAL D 134 1.00 27.70 -47.38
CA VAL D 134 1.60 28.43 -46.24
C VAL D 134 1.41 29.93 -46.30
N SER D 135 1.01 30.45 -47.45
CA SER D 135 0.65 31.87 -47.56
C SER D 135 -0.75 32.15 -47.04
N HIS D 136 -1.56 31.12 -46.85
CA HIS D 136 -2.88 31.34 -46.30
C HIS D 136 -2.79 31.86 -44.85
N PRO D 137 -3.60 32.87 -44.47
CA PRO D 137 -3.61 33.39 -43.10
C PRO D 137 -3.73 32.33 -42.00
N ILE D 138 -4.44 31.23 -42.22
CA ILE D 138 -4.49 30.20 -41.18
C ILE D 138 -3.13 29.56 -40.95
N LEU D 139 -2.34 29.44 -42.02
CA LEU D 139 -1.09 28.65 -41.93
C LEU D 139 0.16 29.51 -41.68
N GLN D 140 0.03 30.83 -41.76
CA GLN D 140 1.16 31.72 -41.64
C GLN D 140 1.84 31.62 -40.27
N ASN D 141 3.15 31.94 -40.28
CA ASN D 141 3.94 32.09 -39.07
C ASN D 141 3.96 30.89 -38.14
N LEU D 142 3.85 29.70 -38.75
CA LEU D 142 3.90 28.42 -38.08
C LEU D 142 4.99 27.54 -38.74
N PRO D 143 5.67 26.72 -37.94
CA PRO D 143 6.84 26.00 -38.45
C PRO D 143 6.45 24.66 -39.10
N TRP D 144 5.66 24.71 -40.18
CA TRP D 144 5.24 23.47 -40.88
C TRP D 144 6.45 22.68 -41.39
N GLU D 145 7.46 23.37 -41.90
CA GLU D 145 8.66 22.68 -42.39
C GLU D 145 9.60 22.23 -41.29
N ASP D 146 9.89 23.11 -40.33
CA ASP D 146 10.85 22.77 -39.29
C ASP D 146 10.32 21.77 -38.27
N ARG D 147 9.01 21.71 -38.11
CA ARG D 147 8.42 21.01 -36.99
C ARG D 147 7.00 20.55 -37.31
N PRO D 148 6.87 19.68 -38.32
CA PRO D 148 5.53 19.19 -38.62
C PRO D 148 4.96 18.41 -37.44
N PRO D 149 3.75 18.73 -37.01
CA PRO D 149 3.17 18.10 -35.84
C PRO D 149 2.41 16.82 -36.19
N THR D 150 2.18 16.01 -35.16
CA THR D 150 1.60 14.71 -35.31
C THR D 150 0.11 14.85 -34.92
N ILE D 151 -0.72 14.07 -35.57
CA ILE D 151 -2.09 13.87 -35.15
C ILE D 151 -2.43 12.40 -34.94
N GLY D 152 -3.47 12.17 -34.15
CA GLY D 152 -3.86 10.82 -33.76
C GLY D 152 -4.94 10.13 -34.55
N GLY D 153 -5.74 10.90 -35.31
CA GLY D 153 -6.80 10.33 -36.11
C GLY D 153 -7.58 11.43 -36.81
N LEU D 154 -8.50 11.04 -37.67
CA LEU D 154 -9.35 11.99 -38.39
C LEU D 154 -10.53 11.29 -39.00
N ASN D 155 -11.53 12.07 -39.35
CA ASN D 155 -12.58 11.63 -40.20
C ASN D 155 -12.13 11.77 -41.68
N ARG D 156 -12.43 10.76 -42.45
CA ARG D 156 -12.15 10.74 -43.88
C ARG D 156 -13.19 11.61 -44.61
N ILE D 157 -12.73 12.76 -45.08
CA ILE D 157 -13.58 13.73 -45.77
C ILE D 157 -12.88 14.15 -47.07
N ALA D 158 -13.65 14.64 -48.02
CA ALA D 158 -13.10 14.99 -49.32
C ALA D 158 -13.44 16.45 -49.64
N ALA D 159 -12.45 17.21 -50.07
CA ALA D 159 -12.70 18.58 -50.50
C ALA D 159 -13.65 18.66 -51.70
N LYS D 160 -14.59 19.60 -51.63
CA LYS D 160 -15.46 19.92 -52.72
C LYS D 160 -14.66 20.68 -53.79
N ALA D 161 -15.20 20.73 -55.01
CA ALA D 161 -14.50 21.27 -56.18
C ALA D 161 -14.09 22.72 -55.96
N LYS D 162 -14.95 23.53 -55.35
CA LYS D 162 -14.62 24.97 -55.23
C LYS D 162 -13.94 25.31 -53.89
N ALA D 163 -13.54 24.29 -53.14
CA ALA D 163 -12.94 24.45 -51.82
C ALA D 163 -11.43 24.43 -51.99
N GLN D 164 -10.72 24.92 -50.97
CA GLN D 164 -9.28 24.93 -50.96
C GLN D 164 -8.76 24.04 -49.86
N THR D 165 -7.95 23.06 -50.24
CA THR D 165 -7.32 22.22 -49.27
C THR D 165 -6.03 22.88 -48.82
N LEU D 166 -5.88 23.10 -47.53
CA LEU D 166 -4.69 23.75 -46.93
C LEU D 166 -3.70 22.79 -46.27
N LEU D 167 -4.22 21.76 -45.58
CA LEU D 167 -3.39 20.79 -44.90
C LEU D 167 -3.81 19.38 -45.28
N MSE D 168 -2.82 18.52 -45.41
CA MSE D 168 -3.01 17.07 -45.52
C MSE D 168 -2.44 16.42 -44.27
O MSE D 168 -1.74 17.04 -43.50
CB MSE D 168 -2.25 16.51 -46.74
CG MSE D 168 -2.65 17.12 -48.04
SE MSE D 168 -4.43 16.53 -48.64
CE MSE D 168 -4.15 14.64 -48.72
N ALA D 169 -2.75 15.13 -44.09
CA ALA D 169 -2.19 14.29 -43.08
C ALA D 169 -1.48 13.15 -43.84
N ARG D 170 -0.17 13.03 -43.67
N ARG D 170 -0.17 13.02 -43.66
CA ARG D 170 0.57 11.92 -44.26
CA ARG D 170 0.57 11.92 -44.26
C ARG D 170 0.78 10.84 -43.21
C ARG D 170 0.79 10.83 -43.21
N VAL D 171 0.30 9.63 -43.51
CA VAL D 171 0.42 8.47 -42.63
C VAL D 171 1.69 7.71 -42.91
N TRP D 172 2.48 7.48 -41.87
CA TRP D 172 3.72 6.74 -41.97
C TRP D 172 3.57 5.41 -41.27
N ARG D 173 4.21 4.41 -41.84
CA ARG D 173 4.19 3.05 -41.31
C ARG D 173 5.58 2.54 -41.14
N PRO D 174 6.29 3.04 -40.09
CA PRO D 174 7.68 2.63 -39.82
C PRO D 174 7.79 1.21 -39.31
N THR D 175 8.94 0.57 -39.58
CA THR D 175 9.26 -0.73 -39.04
C THR D 175 10.60 -0.62 -38.33
N PHE D 176 10.86 -1.53 -37.38
CA PHE D 176 12.07 -1.47 -36.58
C PHE D 176 12.75 -2.81 -36.64
N SER D 177 14.07 -2.80 -36.86
CA SER D 177 14.87 -4.00 -36.85
C SER D 177 15.59 -4.15 -35.52
N LEU D 178 15.22 -5.19 -34.78
CA LEU D 178 15.90 -5.55 -33.54
C LEU D 178 17.38 -5.83 -33.83
N GLU D 179 17.63 -6.65 -34.86
CA GLU D 179 19.00 -7.03 -35.27
C GLU D 179 19.93 -5.84 -35.48
N HIS D 180 19.46 -4.81 -36.20
CA HIS D 180 20.31 -3.68 -36.56
C HIS D 180 20.07 -2.43 -35.71
N GLY D 181 19.02 -2.44 -34.90
CA GLY D 181 18.70 -1.30 -34.05
C GLY D 181 18.32 -0.09 -34.88
N LYS D 182 17.59 -0.28 -35.97
CA LYS D 182 17.30 0.78 -36.93
C LYS D 182 15.83 0.82 -37.36
N THR D 183 15.31 2.03 -37.48
CA THR D 183 13.93 2.25 -37.90
C THR D 183 13.90 2.68 -39.38
N THR D 184 13.03 2.05 -40.17
CA THR D 184 12.83 2.39 -41.57
C THR D 184 11.51 3.09 -41.72
N TRP D 185 11.53 4.30 -42.30
CA TRP D 185 10.32 5.06 -42.46
C TRP D 185 9.80 4.82 -43.86
N GLU D 186 8.55 4.36 -43.98
CA GLU D 186 7.88 4.25 -45.25
C GLU D 186 6.56 4.96 -45.17
N HIS D 187 6.23 5.73 -46.20
CA HIS D 187 4.95 6.44 -46.22
C HIS D 187 3.84 5.55 -46.76
N ALA D 188 2.58 5.78 -46.38
CA ALA D 188 1.49 4.81 -46.68
C ALA D 188 0.15 5.34 -47.22
N ASP D 189 -0.29 6.48 -46.75
CA ASP D 189 -1.60 6.94 -47.15
C ASP D 189 -1.59 8.46 -46.89
N HIS D 190 -2.53 9.20 -47.44
CA HIS D 190 -2.70 10.57 -47.02
C HIS D 190 -4.14 10.98 -47.17
N HIS D 191 -4.48 12.01 -46.41
CA HIS D 191 -5.86 12.38 -46.17
C HIS D 191 -5.95 13.86 -46.08
N PRO D 192 -7.06 14.43 -46.59
CA PRO D 192 -7.27 15.83 -46.30
C PRO D 192 -7.41 16.13 -44.83
N LEU D 193 -6.76 17.20 -44.38
CA LEU D 193 -6.78 17.57 -42.97
C LEU D 193 -7.46 18.89 -42.70
N LEU D 194 -7.24 19.92 -43.51
CA LEU D 194 -7.95 21.19 -43.34
C LEU D 194 -8.39 21.67 -44.71
N VAL D 195 -9.71 21.89 -44.86
CA VAL D 195 -10.29 22.37 -46.13
C VAL D 195 -11.14 23.61 -45.81
N VAL D 196 -11.01 24.67 -46.60
CA VAL D 196 -11.75 25.89 -46.34
C VAL D 196 -12.53 26.28 -47.60
N GLY D 197 -13.60 27.05 -47.43
CA GLY D 197 -14.36 27.53 -48.55
C GLY D 197 -15.29 28.66 -48.13
N GLU D 198 -16.24 28.96 -49.01
CA GLU D 198 -17.21 30.02 -48.76
C GLU D 198 -18.62 29.48 -49.04
N ALA D 199 -19.62 30.04 -48.38
CA ALA D 199 -21.03 29.72 -48.66
C ALA D 199 -21.76 31.06 -48.55
N GLY D 200 -22.28 31.56 -49.67
CA GLY D 200 -22.71 32.97 -49.80
C GLY D 200 -21.54 33.87 -49.42
N THR D 201 -21.73 34.73 -48.43
CA THR D 201 -20.64 35.61 -47.94
C THR D 201 -20.01 35.07 -46.65
N GLY D 202 -20.41 33.87 -46.20
CA GLY D 202 -19.77 33.27 -45.03
C GLY D 202 -18.58 32.40 -45.37
N ARG D 203 -17.62 32.36 -44.47
CA ARG D 203 -16.53 31.43 -44.58
C ARG D 203 -16.81 30.14 -43.83
N VAL D 204 -16.27 29.05 -44.37
CA VAL D 204 -16.45 27.74 -43.78
C VAL D 204 -15.12 27.01 -43.76
N ALA D 205 -14.91 26.22 -42.71
CA ALA D 205 -13.72 25.38 -42.55
C ALA D 205 -14.10 24.01 -42.03
N ALA D 206 -13.51 22.99 -42.63
CA ALA D 206 -13.56 21.62 -42.13
C ALA D 206 -12.15 21.15 -41.72
N PHE D 207 -11.90 21.00 -40.42
CA PHE D 207 -10.71 20.35 -39.89
C PHE D 207 -11.07 18.90 -39.62
N ALA D 208 -10.32 17.98 -40.24
CA ALA D 208 -10.65 16.55 -40.18
C ALA D 208 -10.27 15.90 -38.87
N SER D 209 -9.25 16.42 -38.19
CA SER D 209 -8.84 15.89 -36.88
C SER D 209 -9.56 16.65 -35.75
N ASP D 210 -9.24 16.31 -34.53
CA ASP D 210 -9.90 16.85 -33.33
C ASP D 210 -9.07 17.98 -32.72
N VAL D 211 -9.71 18.90 -32.01
CA VAL D 211 -8.99 19.95 -31.26
C VAL D 211 -8.62 19.40 -29.86
N ALA D 212 -9.20 18.27 -29.48
CA ALA D 212 -9.05 17.71 -28.14
C ALA D 212 -8.79 16.19 -28.25
N PRO D 213 -8.44 15.55 -27.12
CA PRO D 213 -8.15 14.11 -27.25
C PRO D 213 -9.38 13.26 -27.65
N HIS D 214 -9.16 12.05 -28.21
CA HIS D 214 -7.84 11.43 -28.35
C HIS D 214 -7.15 11.67 -29.68
N TRP D 215 -7.86 12.25 -30.64
CA TRP D 215 -7.30 12.44 -31.96
C TRP D 215 -6.35 13.62 -32.15
N VAL D 216 -6.42 14.62 -31.27
CA VAL D 216 -5.58 15.80 -31.46
C VAL D 216 -4.09 15.40 -31.44
N GLY D 217 -3.79 14.38 -30.65
CA GLY D 217 -2.43 13.84 -30.67
C GLY D 217 -1.40 14.87 -30.28
N GLY D 218 -0.20 14.76 -30.87
CA GLY D 218 0.92 15.65 -30.54
C GLY D 218 0.65 17.13 -30.80
N LEU D 219 -0.26 17.40 -31.73
CA LEU D 219 -0.64 18.78 -32.05
C LEU D 219 -0.99 19.60 -30.78
N VAL D 220 -1.61 18.98 -29.77
CA VAL D 220 -2.01 19.69 -28.55
C VAL D 220 -0.79 20.30 -27.82
N ASP D 221 0.38 19.68 -28.01
CA ASP D 221 1.62 20.12 -27.41
C ASP D 221 2.56 20.84 -28.36
N TRP D 222 2.05 21.25 -29.51
CA TRP D 222 2.88 21.80 -30.54
C TRP D 222 3.58 23.08 -30.08
N GLY D 223 4.91 23.06 -30.13
CA GLY D 223 5.76 24.17 -29.80
C GLY D 223 6.71 23.92 -28.66
N ASP D 224 7.59 24.89 -28.44
CA ASP D 224 8.58 24.82 -27.36
C ASP D 224 8.14 25.52 -26.08
N GLU D 225 6.95 26.11 -26.08
CA GLU D 225 6.42 26.82 -24.93
C GLU D 225 5.05 26.28 -24.54
N ARG D 226 4.56 26.75 -23.39
CA ARG D 226 3.28 26.27 -22.83
C ARG D 226 2.37 27.49 -22.59
N VAL D 227 1.10 27.28 -22.88
CA VAL D 227 0.05 28.25 -22.68
C VAL D 227 -0.83 27.62 -21.61
N THR D 228 -1.08 28.35 -20.52
CA THR D 228 -1.95 27.86 -19.46
C THR D 228 -3.21 28.75 -19.35
N SER D 229 -4.37 28.12 -19.15
CA SER D 229 -5.63 28.84 -19.10
C SER D 229 -6.66 27.96 -18.38
N GLN D 230 -7.77 28.57 -18.00
CA GLN D 230 -8.90 27.83 -17.48
C GLN D 230 -10.16 28.64 -17.82
N ALA D 231 -10.99 28.09 -18.70
CA ALA D 231 -12.32 28.62 -18.94
C ALA D 231 -13.20 28.41 -17.70
N PRO D 232 -14.10 29.37 -17.42
CA PRO D 232 -15.04 29.15 -16.33
C PRO D 232 -15.82 27.87 -16.53
N GLY D 233 -15.82 27.02 -15.51
CA GLY D 233 -16.53 25.75 -15.56
C GLY D 233 -15.68 24.60 -16.07
N ALA D 234 -14.49 24.91 -16.60
CA ALA D 234 -13.63 23.92 -17.21
C ALA D 234 -12.44 23.61 -16.32
N GLY D 235 -11.78 22.50 -16.61
CA GLY D 235 -10.49 22.19 -15.98
C GLY D 235 -9.39 23.10 -16.54
N ALA D 236 -8.33 23.32 -15.74
CA ALA D 236 -7.20 24.10 -16.20
C ALA D 236 -6.51 23.33 -17.31
N ILE D 237 -5.98 24.04 -18.31
CA ILE D 237 -5.20 23.35 -19.33
C ILE D 237 -3.78 23.92 -19.38
N GLU D 238 -2.89 23.10 -19.93
CA GLU D 238 -1.56 23.47 -20.22
C GLU D 238 -1.26 22.81 -21.56
N VAL D 239 -1.03 23.64 -22.58
CA VAL D 239 -0.97 23.17 -23.97
C VAL D 239 0.14 23.91 -24.72
N GLY D 240 0.39 23.53 -25.94
CA GLY D 240 1.47 24.13 -26.72
C GLY D 240 1.13 25.53 -27.24
N ASN D 241 2.13 26.38 -27.33
CA ASN D 241 1.95 27.69 -27.91
C ASN D 241 1.54 27.66 -29.37
N LEU D 242 2.04 26.71 -30.15
CA LEU D 242 1.76 26.67 -31.58
C LEU D 242 0.33 26.11 -31.81
N TYR D 243 -0.07 25.16 -30.95
CA TYR D 243 -1.45 24.69 -30.88
C TYR D 243 -2.42 25.84 -30.74
N SER D 244 -2.20 26.67 -29.71
CA SER D 244 -3.07 27.84 -29.48
C SER D 244 -3.04 28.73 -30.71
N GLN D 245 -1.85 29.02 -31.24
CA GLN D 245 -1.73 29.96 -32.34
C GLN D 245 -2.47 29.45 -33.59
N PHE D 246 -2.32 28.15 -33.87
CA PHE D 246 -2.91 27.55 -35.08
C PHE D 246 -4.43 27.61 -35.00
N PHE D 247 -5.02 27.20 -33.87
CA PHE D 247 -6.47 27.26 -33.77
C PHE D 247 -7.00 28.68 -33.73
N ARG D 248 -6.23 29.63 -33.17
CA ARG D 248 -6.64 31.00 -33.17
C ARG D 248 -6.71 31.54 -34.59
N GLN D 249 -5.67 31.27 -35.38
CA GLN D 249 -5.62 31.73 -36.76
C GLN D 249 -6.71 31.08 -37.60
N MSE D 250 -7.03 29.81 -37.32
CA MSE D 250 -8.16 29.14 -37.99
C MSE D 250 -9.49 29.85 -37.72
O MSE D 250 -10.23 30.21 -38.65
CB MSE D 250 -8.25 27.67 -37.58
CG MSE D 250 -9.33 26.90 -38.33
SE MSE D 250 -9.68 25.14 -37.58
CE MSE D 250 -7.89 24.41 -37.67
N LEU D 251 -9.78 30.08 -36.46
CA LEU D 251 -11.07 30.63 -36.08
C LEU D 251 -11.17 32.11 -36.42
N GLU D 252 -10.06 32.85 -36.35
CA GLU D 252 -10.03 34.26 -36.79
C GLU D 252 -10.35 34.38 -38.29
N TRP D 253 -9.80 33.49 -39.11
CA TRP D 253 -10.05 33.53 -40.54
C TRP D 253 -11.53 33.26 -40.80
N VAL D 254 -12.05 32.18 -40.23
CA VAL D 254 -13.47 31.82 -40.42
C VAL D 254 -14.40 32.93 -39.95
N ALA D 255 -14.06 33.56 -38.83
CA ALA D 255 -14.86 34.67 -38.27
C ALA D 255 -14.62 36.00 -38.98
N LYS D 256 -13.61 36.06 -39.87
CA LYS D 256 -13.17 37.30 -40.53
C LYS D 256 -12.76 38.35 -39.49
N SER D 257 -12.09 37.90 -38.42
CA SER D 257 -11.40 38.79 -37.48
C SER D 257 -10.16 39.36 -38.19
CA CA E . -3.54 8.91 -16.95
NA NA F . 10.16 22.01 -55.86
C1 GOL G . -13.64 7.68 -22.80
O1 GOL G . -13.88 8.99 -23.27
C2 GOL G . -14.59 7.53 -21.64
O2 GOL G . -15.86 7.41 -22.23
C3 GOL G . -14.24 6.29 -20.82
O3 GOL G . -15.00 6.30 -19.64
C1 GOL H . -2.84 13.09 -17.98
O1 GOL H . -1.99 12.83 -16.87
C2 GOL H . -2.07 13.72 -19.11
O2 GOL H . -2.96 14.09 -20.16
C3 GOL H . -0.97 12.80 -19.59
O3 GOL H . -1.49 11.66 -20.25
C ACT I . 7.16 12.53 -47.95
O ACT I . 8.40 12.35 -47.93
OXT ACT I . 6.71 13.31 -47.08
CH3 ACT I . 6.27 11.84 -48.98
CA CA J . 1.75 -1.88 25.26
CL CL K . 1.45 0.99 12.22
C1 GOL L . 0.22 -8.40 15.75
O1 GOL L . 0.61 -7.37 14.87
C2 GOL L . 1.24 -9.51 15.59
O2 GOL L . 2.47 -8.89 15.29
C3 GOL L . 1.42 -10.33 16.83
O3 GOL L . 2.82 -10.27 17.06
C1 GOL M . 5.79 -2.58 26.61
O1 GOL M . 5.47 -1.30 27.17
C2 GOL M . 6.40 -3.46 27.70
O2 GOL M . 6.93 -4.68 27.16
C3 GOL M . 5.36 -3.77 28.78
O3 GOL M . 4.26 -4.57 28.32
C ACT N . 4.54 -29.09 43.45
O ACT N . 5.50 -28.48 42.94
OXT ACT N . 4.14 -28.77 44.60
CH3 ACT N . 3.86 -30.22 42.74
CA CA O . 10.13 -16.69 19.49
NA NA P . -16.98 -13.64 53.27
NA NA Q . -4.22 -22.90 27.50
C1 GOL R . 5.77 -16.51 19.15
O1 GOL R . 6.18 -17.71 18.52
C2 GOL R . 4.68 -16.76 20.18
O2 GOL R . 4.17 -15.54 20.65
C3 GOL R . 5.13 -17.67 21.32
O3 GOL R . 6.18 -17.09 22.10
C1 GOL S . 11.78 -4.97 22.03
O1 GOL S . 10.38 -4.86 21.88
C2 GOL S . 12.26 -5.05 20.61
O2 GOL S . 12.06 -3.76 20.09
C3 GOL S . 13.71 -5.53 20.59
O3 GOL S . 14.09 -5.48 19.24
C ACT T . -5.09 -14.76 48.91
O ACT T . -5.04 -15.97 49.29
OXT ACT T . -5.51 -14.52 47.76
CH3 ACT T . -4.69 -13.61 49.82
CA CA U . -13.58 16.12 -29.96
CL CL V . -20.47 21.65 -19.51
C1 GOL W . -13.36 11.79 -29.56
O1 GOL W . -14.32 12.10 -30.55
C2 GOL W . -12.36 10.80 -30.07
O2 GOL W . -11.54 10.37 -29.01
C3 GOL W . -11.51 11.35 -31.21
O3 GOL W . -10.70 12.49 -30.83
C1 GOL X . -10.36 20.13 -19.65
O1 GOL X . -11.49 20.66 -18.99
C2 GOL X . -9.26 19.72 -18.70
O2 GOL X . -9.78 18.85 -17.70
C3 GOL X . -8.19 18.96 -19.47
O3 GOL X . -8.36 17.58 -19.22
C ACT Y . 16.84 4.13 -35.11
O ACT Y . 15.82 3.67 -34.60
OXT ACT Y . 16.88 4.17 -36.38
CH3 ACT Y . 17.97 4.60 -34.25
#